data_5G25
# 
_entry.id   5G25 
# 
_audit_conform.dict_name       mmcif_pdbx.dic 
_audit_conform.dict_version    5.398 
_audit_conform.dict_location   http://mmcif.pdb.org/dictionaries/ascii/mmcif_pdbx.dic 
# 
loop_
_database_2.database_id 
_database_2.database_code 
_database_2.pdbx_database_accession 
_database_2.pdbx_DOI 
PDB   5G25         pdb_00005g25 10.2210/pdb5g25/pdb 
PDBE  EBI-66022    ?            ?                   
WWPDB D_1290066022 ?            ?                   
# 
loop_
_pdbx_audit_revision_history.ordinal 
_pdbx_audit_revision_history.data_content_type 
_pdbx_audit_revision_history.major_revision 
_pdbx_audit_revision_history.minor_revision 
_pdbx_audit_revision_history.revision_date 
1 'Structure model' 1 0 2016-09-14 
2 'Structure model' 1 1 2016-09-28 
3 'Structure model' 1 2 2016-12-07 
4 'Structure model' 1 3 2017-06-14 
5 'Structure model' 1 4 2024-11-13 
# 
_pdbx_audit_revision_details.ordinal             1 
_pdbx_audit_revision_details.revision_ordinal    1 
_pdbx_audit_revision_details.data_content_type   'Structure model' 
_pdbx_audit_revision_details.provider            repository 
_pdbx_audit_revision_details.type                'Initial release' 
_pdbx_audit_revision_details.description         ? 
_pdbx_audit_revision_details.details             ? 
# 
loop_
_pdbx_audit_revision_group.ordinal 
_pdbx_audit_revision_group.revision_ordinal 
_pdbx_audit_revision_group.data_content_type 
_pdbx_audit_revision_group.group 
1 2 'Structure model' 'Database references'    
2 3 'Structure model' 'Database references'    
3 4 'Structure model' 'Refinement description' 
4 5 'Structure model' 'Data collection'        
5 5 'Structure model' 'Database references'    
6 5 'Structure model' 'Derived calculations'   
7 5 'Structure model' Other                    
8 5 'Structure model' 'Structure summary'      
# 
loop_
_pdbx_audit_revision_category.ordinal 
_pdbx_audit_revision_category.revision_ordinal 
_pdbx_audit_revision_category.data_content_type 
_pdbx_audit_revision_category.category 
1 4 'Structure model' refine                    
2 5 'Structure model' chem_comp_atom            
3 5 'Structure model' chem_comp_bond            
4 5 'Structure model' database_2                
5 5 'Structure model' pdbx_database_status      
6 5 'Structure model' pdbx_entry_details        
7 5 'Structure model' pdbx_modification_feature 
8 5 'Structure model' struct_site               
# 
loop_
_pdbx_audit_revision_item.ordinal 
_pdbx_audit_revision_item.revision_ordinal 
_pdbx_audit_revision_item.data_content_type 
_pdbx_audit_revision_item.item 
1 4 'Structure model' '_refine.pdbx_method_to_determine_struct' 
2 5 'Structure model' '_database_2.pdbx_DOI'                    
3 5 'Structure model' '_database_2.pdbx_database_accession'     
4 5 'Structure model' '_pdbx_database_status.status_code_sf'    
5 5 'Structure model' '_struct_site.pdbx_auth_asym_id'          
6 5 'Structure model' '_struct_site.pdbx_auth_comp_id'          
7 5 'Structure model' '_struct_site.pdbx_auth_seq_id'           
# 
_pdbx_database_status.status_code                     REL 
_pdbx_database_status.entry_id                        5G25 
_pdbx_database_status.deposit_site                    PDBE 
_pdbx_database_status.process_site                    PDBE 
_pdbx_database_status.SG_entry                        . 
_pdbx_database_status.recvd_initial_deposition_date   2016-04-06 
_pdbx_database_status.pdb_format_compatible           Y 
_pdbx_database_status.status_code_sf                  REL 
_pdbx_database_status.status_code_mr                  ? 
_pdbx_database_status.status_code_cs                  ? 
_pdbx_database_status.methods_development_category    ? 
_pdbx_database_status.status_code_nmr_data            ? 
# 
loop_
_pdbx_database_related.db_name 
_pdbx_database_related.db_id 
_pdbx_database_related.content_type 
_pdbx_database_related.details 
PDB 5G23 unspecified 'TYPE IV-LIKE PILIN TTHA1219 FROM THERMUS THERMOPHILUS'            
PDB 5G24 unspecified 'TYPE IV-LIKE PILIN TTHA1219 FROM THERMUS THERMOPHILUS'            
PDB 5G2F unspecified 'TYPE IV-LIKE COMPETENCE PILIN TTHA1222 FROM THERMUS THERMOPHILUS' 
# 
loop_
_audit_author.name 
_audit_author.pdbx_ordinal 
'Karuppiah, V.' 1 
'Derrick, J.P.' 2 
# 
_citation.id                        primary 
_citation.title                     
'Structures of Type Iv Pilins from Thermus Thermophilus Demonstrate Similarities with Type II Secretion System Pseudopilins' 
_citation.journal_abbrev            J.Struct.Biol. 
_citation.journal_volume            196 
_citation.page_first                375 
_citation.page_last                 ? 
_citation.year                      2016 
_citation.journal_id_ASTM           JSBIEM 
_citation.country                   US 
_citation.journal_id_ISSN           1047-8477 
_citation.journal_id_CSD            0803 
_citation.book_publisher            ? 
_citation.pdbx_database_id_PubMed   27612581 
_citation.pdbx_database_id_DOI      10.1016/J.JSB.2016.08.006 
# 
loop_
_citation_author.citation_id 
_citation_author.name 
_citation_author.ordinal 
_citation_author.identifier_ORCID 
primary 'Karuppiah, V.'      1 ? 
primary 'Thistlethwaite, A.' 2 ? 
primary 'Derrick, J.P.'      3 ? 
# 
loop_
_entity.id 
_entity.type 
_entity.src_method 
_entity.pdbx_description 
_entity.formula_weight 
_entity.pdbx_number_of_molecules 
_entity.pdbx_ec 
_entity.pdbx_mutation 
_entity.pdbx_fragment 
_entity.details 
1 polymer     man 'TYPE-IV LIKE COMPETENCE PILIN TTHA1218' 10710.224 1  ? ? ? ? 
2 non-polymer syn GLYCEROL                                 92.094    1  ? ? ? ? 
3 water       nat water                                    18.015    12 ? ? ? ? 
# 
_entity_poly.entity_id                      1 
_entity_poly.type                           'polypeptide(L)' 
_entity_poly.nstd_linkage                   no 
_entity_poly.nstd_monomer                   no 
_entity_poly.pdbx_seq_one_letter_code       
;MAGQQGRELQTVVREMENFMERLRQDPQGIPALCNGALALGGKQGTCTAIPCNVAQDGGLACPTAGDVRAFQVVLRVEEK
RLETVVYRPLEHHHHHH
;
_entity_poly.pdbx_seq_one_letter_code_can   
;MAGQQGRELQTVVREMENFMERLRQDPQGIPALCNGALALGGKQGTCTAIPCNVAQDGGLACPTAGDVRAFQVVLRVEEK
RLETVVYRPLEHHHHHH
;
_entity_poly.pdbx_strand_id                 A 
_entity_poly.pdbx_target_identifier         ? 
# 
loop_
_pdbx_entity_nonpoly.entity_id 
_pdbx_entity_nonpoly.name 
_pdbx_entity_nonpoly.comp_id 
2 GLYCEROL GOL 
3 water    HOH 
# 
loop_
_entity_poly_seq.entity_id 
_entity_poly_seq.num 
_entity_poly_seq.mon_id 
_entity_poly_seq.hetero 
1 1  MET n 
1 2  ALA n 
1 3  GLY n 
1 4  GLN n 
1 5  GLN n 
1 6  GLY n 
1 7  ARG n 
1 8  GLU n 
1 9  LEU n 
1 10 GLN n 
1 11 THR n 
1 12 VAL n 
1 13 VAL n 
1 14 ARG n 
1 15 GLU n 
1 16 MET n 
1 17 GLU n 
1 18 ASN n 
1 19 PHE n 
1 20 MET n 
1 21 GLU n 
1 22 ARG n 
1 23 LEU n 
1 24 ARG n 
1 25 GLN n 
1 26 ASP n 
1 27 PRO n 
1 28 GLN n 
1 29 GLY n 
1 30 ILE n 
1 31 PRO n 
1 32 ALA n 
1 33 LEU n 
1 34 CYS n 
1 35 ASN n 
1 36 GLY n 
1 37 ALA n 
1 38 LEU n 
1 39 ALA n 
1 40 LEU n 
1 41 GLY n 
1 42 GLY n 
1 43 LYS n 
1 44 GLN n 
1 45 GLY n 
1 46 THR n 
1 47 CYS n 
1 48 THR n 
1 49 ALA n 
1 50 ILE n 
1 51 PRO n 
1 52 CYS n 
1 53 ASN n 
1 54 VAL n 
1 55 ALA n 
1 56 GLN n 
1 57 ASP n 
1 58 GLY n 
1 59 GLY n 
1 60 LEU n 
1 61 ALA n 
1 62 CYS n 
1 63 PRO n 
1 64 THR n 
1 65 ALA n 
1 66 GLY n 
1 67 ASP n 
1 68 VAL n 
1 69 ARG n 
1 70 ALA n 
1 71 PHE n 
1 72 GLN n 
1 73 VAL n 
1 74 VAL n 
1 75 LEU n 
1 76 ARG n 
1 77 VAL n 
1 78 GLU n 
1 79 GLU n 
1 80 LYS n 
1 81 ARG n 
1 82 LEU n 
1 83 GLU n 
1 84 THR n 
1 85 VAL n 
1 86 VAL n 
1 87 TYR n 
1 88 ARG n 
1 89 PRO n 
1 90 LEU n 
1 91 GLU n 
1 92 HIS n 
1 93 HIS n 
1 94 HIS n 
1 95 HIS n 
1 96 HIS n 
1 97 HIS n 
# 
_entity_src_gen.entity_id                          1 
_entity_src_gen.pdbx_src_id                        1 
_entity_src_gen.pdbx_alt_source_flag               sample 
_entity_src_gen.pdbx_seq_type                      ? 
_entity_src_gen.pdbx_beg_seq_num                   ? 
_entity_src_gen.pdbx_end_seq_num                   ? 
_entity_src_gen.gene_src_common_name               ? 
_entity_src_gen.gene_src_genus                     ? 
_entity_src_gen.pdbx_gene_src_gene                 ? 
_entity_src_gen.gene_src_species                   ? 
_entity_src_gen.gene_src_strain                    HB8 
_entity_src_gen.gene_src_tissue                    ? 
_entity_src_gen.gene_src_tissue_fraction           ? 
_entity_src_gen.gene_src_details                   ? 
_entity_src_gen.pdbx_gene_src_fragment             ? 
_entity_src_gen.pdbx_gene_src_scientific_name      'THERMUS THERMOPHILUS' 
_entity_src_gen.pdbx_gene_src_ncbi_taxonomy_id     300852 
_entity_src_gen.pdbx_gene_src_variant              ? 
_entity_src_gen.pdbx_gene_src_cell_line            ? 
_entity_src_gen.pdbx_gene_src_atcc                 ? 
_entity_src_gen.pdbx_gene_src_organ                ? 
_entity_src_gen.pdbx_gene_src_organelle            ? 
_entity_src_gen.pdbx_gene_src_cell                 ? 
_entity_src_gen.pdbx_gene_src_cellular_location    ? 
_entity_src_gen.host_org_common_name               ? 
_entity_src_gen.pdbx_host_org_scientific_name      'ESCHERICHIA COLI' 
_entity_src_gen.pdbx_host_org_ncbi_taxonomy_id     562 
_entity_src_gen.host_org_genus                     ? 
_entity_src_gen.pdbx_host_org_gene                 ? 
_entity_src_gen.pdbx_host_org_organ                ? 
_entity_src_gen.host_org_species                   ? 
_entity_src_gen.pdbx_host_org_tissue               ? 
_entity_src_gen.pdbx_host_org_tissue_fraction      ? 
_entity_src_gen.pdbx_host_org_strain               ? 
_entity_src_gen.pdbx_host_org_variant              'T7 EXPRESS' 
_entity_src_gen.pdbx_host_org_cell_line            ? 
_entity_src_gen.pdbx_host_org_atcc                 ? 
_entity_src_gen.pdbx_host_org_culture_collection   ? 
_entity_src_gen.pdbx_host_org_cell                 ? 
_entity_src_gen.pdbx_host_org_organelle            ? 
_entity_src_gen.pdbx_host_org_cellular_location    ? 
_entity_src_gen.pdbx_host_org_vector_type          PLASMID 
_entity_src_gen.pdbx_host_org_vector               PET22B 
_entity_src_gen.host_org_details                   ? 
_entity_src_gen.expression_system_id               ? 
_entity_src_gen.plasmid_name                       ? 
_entity_src_gen.plasmid_details                    ? 
_entity_src_gen.pdbx_description                   ? 
# 
loop_
_chem_comp.id 
_chem_comp.type 
_chem_comp.mon_nstd_flag 
_chem_comp.name 
_chem_comp.pdbx_synonyms 
_chem_comp.formula 
_chem_comp.formula_weight 
ALA 'L-peptide linking' y ALANINE         ?                               'C3 H7 N O2'     89.093  
ARG 'L-peptide linking' y ARGININE        ?                               'C6 H15 N4 O2 1' 175.209 
ASN 'L-peptide linking' y ASPARAGINE      ?                               'C4 H8 N2 O3'    132.118 
ASP 'L-peptide linking' y 'ASPARTIC ACID' ?                               'C4 H7 N O4'     133.103 
CYS 'L-peptide linking' y CYSTEINE        ?                               'C3 H7 N O2 S'   121.158 
GLN 'L-peptide linking' y GLUTAMINE       ?                               'C5 H10 N2 O3'   146.144 
GLU 'L-peptide linking' y 'GLUTAMIC ACID' ?                               'C5 H9 N O4'     147.129 
GLY 'peptide linking'   y GLYCINE         ?                               'C2 H5 N O2'     75.067  
GOL non-polymer         . GLYCEROL        'GLYCERIN; PROPANE-1,2,3-TRIOL' 'C3 H8 O3'       92.094  
HIS 'L-peptide linking' y HISTIDINE       ?                               'C6 H10 N3 O2 1' 156.162 
HOH non-polymer         . WATER           ?                               'H2 O'           18.015  
ILE 'L-peptide linking' y ISOLEUCINE      ?                               'C6 H13 N O2'    131.173 
LEU 'L-peptide linking' y LEUCINE         ?                               'C6 H13 N O2'    131.173 
LYS 'L-peptide linking' y LYSINE          ?                               'C6 H15 N2 O2 1' 147.195 
MET 'L-peptide linking' y METHIONINE      ?                               'C5 H11 N O2 S'  149.211 
PHE 'L-peptide linking' y PHENYLALANINE   ?                               'C9 H11 N O2'    165.189 
PRO 'L-peptide linking' y PROLINE         ?                               'C5 H9 N O2'     115.130 
THR 'L-peptide linking' y THREONINE       ?                               'C4 H9 N O3'     119.119 
TYR 'L-peptide linking' y TYROSINE        ?                               'C9 H11 N O3'    181.189 
VAL 'L-peptide linking' y VALINE          ?                               'C5 H11 N O2'    117.146 
# 
loop_
_pdbx_poly_seq_scheme.asym_id 
_pdbx_poly_seq_scheme.entity_id 
_pdbx_poly_seq_scheme.seq_id 
_pdbx_poly_seq_scheme.mon_id 
_pdbx_poly_seq_scheme.ndb_seq_num 
_pdbx_poly_seq_scheme.pdb_seq_num 
_pdbx_poly_seq_scheme.auth_seq_num 
_pdbx_poly_seq_scheme.pdb_mon_id 
_pdbx_poly_seq_scheme.auth_mon_id 
_pdbx_poly_seq_scheme.pdb_strand_id 
_pdbx_poly_seq_scheme.pdb_ins_code 
_pdbx_poly_seq_scheme.hetero 
A 1 1  MET 1  35  ?   ?   ?   A . n 
A 1 2  ALA 2  36  ?   ?   ?   A . n 
A 1 3  GLY 3  37  ?   ?   ?   A . n 
A 1 4  GLN 4  38  ?   ?   ?   A . n 
A 1 5  GLN 5  39  ?   ?   ?   A . n 
A 1 6  GLY 6  40  ?   ?   ?   A . n 
A 1 7  ARG 7  41  ?   ?   ?   A . n 
A 1 8  GLU 8  42  ?   ?   ?   A . n 
A 1 9  LEU 9  43  ?   ?   ?   A . n 
A 1 10 GLN 10 44  44  GLN GLN A . n 
A 1 11 THR 11 45  45  THR THR A . n 
A 1 12 VAL 12 46  46  VAL VAL A . n 
A 1 13 VAL 13 47  47  VAL VAL A . n 
A 1 14 ARG 14 48  48  ARG ARG A . n 
A 1 15 GLU 15 49  49  GLU GLU A . n 
A 1 16 MET 16 50  50  MET MET A . n 
A 1 17 GLU 17 51  51  GLU GLU A . n 
A 1 18 ASN 18 52  52  ASN ASN A . n 
A 1 19 PHE 19 53  53  PHE PHE A . n 
A 1 20 MET 20 54  54  MET MET A . n 
A 1 21 GLU 21 55  55  GLU GLU A . n 
A 1 22 ARG 22 56  56  ARG ARG A . n 
A 1 23 LEU 23 57  57  LEU LEU A . n 
A 1 24 ARG 24 58  58  ARG ARG A . n 
A 1 25 GLN 25 59  59  GLN GLN A . n 
A 1 26 ASP 26 60  60  ASP ASP A . n 
A 1 27 PRO 27 61  61  PRO PRO A . n 
A 1 28 GLN 28 62  62  GLN GLN A . n 
A 1 29 GLY 29 63  63  GLY GLY A . n 
A 1 30 ILE 30 64  64  ILE ILE A . n 
A 1 31 PRO 31 65  65  PRO PRO A . n 
A 1 32 ALA 32 66  66  ALA ALA A . n 
A 1 33 LEU 33 67  67  LEU LEU A . n 
A 1 34 CYS 34 68  68  CYS CYS A . n 
A 1 35 ASN 35 69  69  ASN ASN A . n 
A 1 36 GLY 36 70  70  GLY GLY A . n 
A 1 37 ALA 37 71  71  ALA ALA A . n 
A 1 38 LEU 38 72  72  LEU LEU A . n 
A 1 39 ALA 39 73  73  ALA ALA A . n 
A 1 40 LEU 40 74  74  LEU LEU A . n 
A 1 41 GLY 41 75  75  GLY GLY A . n 
A 1 42 GLY 42 76  76  GLY GLY A . n 
A 1 43 LYS 43 77  77  LYS LYS A . n 
A 1 44 GLN 44 78  78  GLN GLN A . n 
A 1 45 GLY 45 79  79  GLY GLY A . n 
A 1 46 THR 46 80  80  THR THR A . n 
A 1 47 CYS 47 81  81  CYS CYS A . n 
A 1 48 THR 48 82  82  THR THR A . n 
A 1 49 ALA 49 83  83  ALA ALA A . n 
A 1 50 ILE 50 84  84  ILE ILE A . n 
A 1 51 PRO 51 85  85  PRO PRO A . n 
A 1 52 CYS 52 86  86  CYS CYS A . n 
A 1 53 ASN 53 87  87  ASN ASN A . n 
A 1 54 VAL 54 88  88  VAL VAL A . n 
A 1 55 ALA 55 89  89  ALA ALA A . n 
A 1 56 GLN 56 90  90  GLN GLN A . n 
A 1 57 ASP 57 91  91  ASP ASP A . n 
A 1 58 GLY 58 92  92  GLY GLY A . n 
A 1 59 GLY 59 93  93  GLY GLY A . n 
A 1 60 LEU 60 94  94  LEU LEU A . n 
A 1 61 ALA 61 95  95  ALA ALA A . n 
A 1 62 CYS 62 96  96  CYS CYS A . n 
A 1 63 PRO 63 97  97  PRO PRO A . n 
A 1 64 THR 64 98  98  THR THR A . n 
A 1 65 ALA 65 99  99  ALA ALA A . n 
A 1 66 GLY 66 100 100 GLY GLY A . n 
A 1 67 ASP 67 101 101 ASP ASP A . n 
A 1 68 VAL 68 102 102 VAL VAL A . n 
A 1 69 ARG 69 103 103 ARG ARG A . n 
A 1 70 ALA 70 104 104 ALA ALA A . n 
A 1 71 PHE 71 105 105 PHE PHE A . n 
A 1 72 GLN 72 106 106 GLN GLN A . n 
A 1 73 VAL 73 107 107 VAL VAL A . n 
A 1 74 VAL 74 108 108 VAL VAL A . n 
A 1 75 LEU 75 109 109 LEU LEU A . n 
A 1 76 ARG 76 110 110 ARG ARG A . n 
A 1 77 VAL 77 111 111 VAL VAL A . n 
A 1 78 GLU 78 112 112 GLU GLU A . n 
A 1 79 GLU 79 113 113 GLU GLU A . n 
A 1 80 LYS 80 114 114 LYS LYS A . n 
A 1 81 ARG 81 115 115 ARG ARG A . n 
A 1 82 LEU 82 116 116 LEU LEU A . n 
A 1 83 GLU 83 117 117 GLU GLU A . n 
A 1 84 THR 84 118 118 THR THR A . n 
A 1 85 VAL 85 119 119 VAL VAL A . n 
A 1 86 VAL 86 120 120 VAL VAL A . n 
A 1 87 TYR 87 121 121 TYR TYR A . n 
A 1 88 ARG 88 122 122 ARG ARG A . n 
A 1 89 PRO 89 123 123 PRO PRO A . n 
A 1 90 LEU 90 124 124 LEU LEU A . n 
A 1 91 GLU 91 125 125 GLU GLU A . n 
A 1 92 HIS 92 126 ?   ?   ?   A . n 
A 1 93 HIS 93 127 ?   ?   ?   A . n 
A 1 94 HIS 94 128 ?   ?   ?   A . n 
A 1 95 HIS 95 129 ?   ?   ?   A . n 
A 1 96 HIS 96 130 ?   ?   ?   A . n 
A 1 97 HIS 97 131 ?   ?   ?   A . n 
# 
loop_
_pdbx_nonpoly_scheme.asym_id 
_pdbx_nonpoly_scheme.entity_id 
_pdbx_nonpoly_scheme.mon_id 
_pdbx_nonpoly_scheme.ndb_seq_num 
_pdbx_nonpoly_scheme.pdb_seq_num 
_pdbx_nonpoly_scheme.auth_seq_num 
_pdbx_nonpoly_scheme.pdb_mon_id 
_pdbx_nonpoly_scheme.auth_mon_id 
_pdbx_nonpoly_scheme.pdb_strand_id 
_pdbx_nonpoly_scheme.pdb_ins_code 
B 2 GOL 1  1126 1126 GOL GOL A . 
C 3 HOH 1  2001 2001 HOH HOH A . 
C 3 HOH 2  2002 2002 HOH HOH A . 
C 3 HOH 3  2003 2003 HOH HOH A . 
C 3 HOH 4  2004 2004 HOH HOH A . 
C 3 HOH 5  2005 2005 HOH HOH A . 
C 3 HOH 6  2006 2006 HOH HOH A . 
C 3 HOH 7  2007 2007 HOH HOH A . 
C 3 HOH 8  2008 2008 HOH HOH A . 
C 3 HOH 9  2009 2009 HOH HOH A . 
C 3 HOH 10 2010 2010 HOH HOH A . 
C 3 HOH 11 2011 2011 HOH HOH A . 
C 3 HOH 12 2012 2012 HOH HOH A . 
# 
loop_
_software.name 
_software.classification 
_software.version 
_software.citation_id 
_software.pdbx_ordinal 
_software.date 
_software.type 
_software.location 
_software.language 
REFMAC refinement       5.8.0124 ? 1 ? ? ? ? 
XDS    'data reduction' .        ? 2 ? ? ? ? 
XSCALE 'data scaling'   .        ? 3 ? ? ? ? 
PHASER phasing          .        ? 4 ? ? ? ? 
# 
_cell.entry_id           5G25 
_cell.length_a           156.590 
_cell.length_b           156.590 
_cell.length_c           156.590 
_cell.angle_alpha        90.00 
_cell.angle_beta         90.00 
_cell.angle_gamma        90.00 
_cell.Z_PDB              96 
_cell.pdbx_unique_axis   ? 
# 
_symmetry.entry_id                         5G25 
_symmetry.space_group_name_H-M             'F 41 3 2' 
_symmetry.pdbx_full_space_group_name_H-M   ? 
_symmetry.cell_setting                     ? 
_symmetry.Int_Tables_number                210 
# 
_exptl.entry_id          5G25 
_exptl.method            'X-RAY DIFFRACTION' 
_exptl.crystals_number   1 
# 
_exptl_crystal.id                    1 
_exptl_crystal.density_meas          ? 
_exptl_crystal.density_Matthews      3.73 
_exptl_crystal.density_percent_sol   67.06 
_exptl_crystal.description           NONE 
_exptl_crystal.preparation           ? 
# 
_exptl_crystal_grow.crystal_id      1 
_exptl_crystal_grow.method          ? 
_exptl_crystal_grow.temp            ? 
_exptl_crystal_grow.temp_details    ? 
_exptl_crystal_grow.pH              ? 
_exptl_crystal_grow.pdbx_pH_range   ? 
_exptl_crystal_grow.pdbx_details    '0.1 M HEPES PH 7.0 1M SUCCINIC ACID 1% PEG 2000 MME' 
# 
loop_
_diffrn.id 
_diffrn.ambient_temp 
_diffrn.ambient_temp_details 
_diffrn.crystal_id 
1 77 ? 1 
2 ?  ? 1 
# 
loop_
_diffrn_detector.diffrn_id 
_diffrn_detector.detector 
_diffrn_detector.type 
_diffrn_detector.pdbx_collection_date 
_diffrn_detector.details 
1 ? ? 2012-10-01 ? 
2 ? ? ?          ? 
# 
loop_
_diffrn_radiation.diffrn_id 
_diffrn_radiation.wavelength_id 
_diffrn_radiation.pdbx_monochromatic_or_laue_m_l 
_diffrn_radiation.monochromator 
_diffrn_radiation.pdbx_diffrn_protocol 
_diffrn_radiation.pdbx_scattering_type 
1 1 M ? 'SINGLE WAVELENGTH' x-ray 
2 1 M ? 'SINGLE WAVELENGTH' x-ray 
# 
loop_
_diffrn_radiation_wavelength.id 
_diffrn_radiation_wavelength.wavelength 
_diffrn_radiation_wavelength.wt 
1 0.9000 1.0 
2 0.9700 1.0 
# 
loop_
_diffrn_source.diffrn_id 
_diffrn_source.source 
_diffrn_source.type 
_diffrn_source.pdbx_synchrotron_site 
_diffrn_source.pdbx_synchrotron_beamline 
_diffrn_source.pdbx_wavelength 
_diffrn_source.pdbx_wavelength_list 
1 SYNCHROTRON 'DIAMOND BEAMLINE I02' Diamond I02 0.9000 ? 
2 SYNCHROTRON 'DIAMOND BEAMLINE I04' Diamond I04 0.9700 ? 
# 
_reflns.pdbx_diffrn_id               1 
_reflns.pdbx_ordinal                 1 
_reflns.entry_id                     5G25 
_reflns.observed_criterion_sigma_I   3.6 
_reflns.observed_criterion_sigma_F   ? 
_reflns.d_resolution_low             55.36 
_reflns.d_resolution_high            2.30 
_reflns.number_obs                   7765 
_reflns.number_all                   ? 
_reflns.percent_possible_obs         99.9 
_reflns.pdbx_Rmerge_I_obs            0.05 
_reflns.pdbx_Rsym_value              ? 
_reflns.pdbx_netI_over_sigmaI        30.10 
_reflns.B_iso_Wilson_estimate        ? 
_reflns.pdbx_redundancy              11.6 
_reflns.pdbx_CC_half                 ? 
_reflns.pdbx_Rpim_I_all              ? 
_reflns.pdbx_Rrim_I_all              ? 
# 
_reflns_shell.pdbx_diffrn_id         1 
_reflns_shell.pdbx_ordinal           1 
_reflns_shell.d_res_high             2.30 
_reflns_shell.d_res_low              2.36 
_reflns_shell.percent_possible_all   99.8 
_reflns_shell.Rmerge_I_obs           0.75 
_reflns_shell.pdbx_Rsym_value        ? 
_reflns_shell.meanI_over_sigI_obs    3.60 
_reflns_shell.pdbx_redundancy        12.2 
_reflns_shell.number_measured_obs    ? 
_reflns_shell.number_unique_all      ? 
_reflns_shell.number_unique_obs      ? 
_reflns_shell.pdbx_CC_half           ? 
_reflns_shell.pdbx_Rpim_I_all        ? 
_reflns_shell.pdbx_Rrim_I_all        ? 
# 
_refine.pdbx_refine_id                           'X-RAY DIFFRACTION' 
_refine.entry_id                                 5G25 
_refine.pdbx_diffrn_id                           1 
_refine.pdbx_TLS_residual_ADP_flag               ? 
_refine.ls_number_reflns_obs                     7380 
_refine.ls_number_reflns_all                     ? 
_refine.pdbx_ls_sigma_I                          ? 
_refine.pdbx_ls_sigma_F                          . 
_refine.pdbx_data_cutoff_high_absF               ? 
_refine.pdbx_data_cutoff_low_absF                ? 
_refine.pdbx_data_cutoff_high_rms_absF           ? 
_refine.ls_d_res_low                             90.41 
_refine.ls_d_res_high                            2.30 
_refine.ls_percent_reflns_obs                    99.77 
_refine.ls_R_factor_obs                          0.20962 
_refine.ls_R_factor_all                          ? 
_refine.ls_R_factor_R_work                       0.20828 
_refine.ls_R_factor_R_free                       0.23690 
_refine.ls_R_factor_R_free_error                 ? 
_refine.ls_R_factor_R_free_error_details         ? 
_refine.ls_percent_reflns_R_free                 4.6 
_refine.ls_number_reflns_R_free                  356 
_refine.ls_number_parameters                     ? 
_refine.ls_number_restraints                     ? 
_refine.occupancy_min                            ? 
_refine.occupancy_max                            ? 
_refine.correlation_coeff_Fo_to_Fc               0.952 
_refine.correlation_coeff_Fo_to_Fc_free          0.942 
_refine.B_iso_mean                               56.233 
_refine.aniso_B[1][1]                            0.00 
_refine.aniso_B[2][2]                            0.00 
_refine.aniso_B[3][3]                            0.00 
_refine.aniso_B[1][2]                            0.00 
_refine.aniso_B[1][3]                            0.00 
_refine.aniso_B[2][3]                            0.00 
_refine.solvent_model_details                    MASK 
_refine.solvent_model_param_ksol                 ? 
_refine.solvent_model_param_bsol                 ? 
_refine.pdbx_solvent_vdw_probe_radii             1.20 
_refine.pdbx_solvent_ion_probe_radii             0.80 
_refine.pdbx_solvent_shrinkage_radii             0.80 
_refine.pdbx_ls_cross_valid_method               THROUGHOUT 
_refine.details                                  
'HYDROGENS HAVE BEEN ADDED IN THE RIDING POSITIONS. HYDROGENS HAVE BEEN ADDED IN THE RIDING POSITIONS U VALUES REFINED INDIVIDUALLY' 
_refine.pdbx_starting_model                      NONE 
_refine.pdbx_method_to_determine_struct          SAD 
_refine.pdbx_isotropic_thermal_model             ? 
_refine.pdbx_stereochemistry_target_values       'MAXIMUM LIKELIHOOD' 
_refine.pdbx_stereochem_target_val_spec_case     ? 
_refine.pdbx_R_Free_selection_details            RANDOM 
_refine.pdbx_overall_ESU_R                       0.177 
_refine.pdbx_overall_ESU_R_Free                  0.163 
_refine.overall_SU_ML                            0.111 
_refine.pdbx_overall_phase_error                 ? 
_refine.overall_SU_B                             4.483 
_refine.overall_SU_R_Cruickshank_DPI             ? 
_refine.pdbx_overall_SU_R_free_Cruickshank_DPI   ? 
_refine.pdbx_overall_SU_R_Blow_DPI               ? 
_refine.pdbx_overall_SU_R_free_Blow_DPI          ? 
# 
_refine_hist.pdbx_refine_id                   'X-RAY DIFFRACTION' 
_refine_hist.cycle_id                         LAST 
_refine_hist.pdbx_number_atoms_protein        619 
_refine_hist.pdbx_number_atoms_nucleic_acid   0 
_refine_hist.pdbx_number_atoms_ligand         6 
_refine_hist.number_atoms_solvent             12 
_refine_hist.number_atoms_total               637 
_refine_hist.d_res_high                       2.30 
_refine_hist.d_res_low                        90.41 
# 
loop_
_refine_ls_restr.type 
_refine_ls_restr.dev_ideal 
_refine_ls_restr.dev_ideal_target 
_refine_ls_restr.weight 
_refine_ls_restr.number 
_refine_ls_restr.pdbx_refine_id 
_refine_ls_restr.pdbx_restraint_function 
r_bond_refined_d             0.010  0.019  ? 633  'X-RAY DIFFRACTION' ? 
r_bond_other_d               0.001  0.020  ? 625  'X-RAY DIFFRACTION' ? 
r_angle_refined_deg          1.384  1.993  ? 856  'X-RAY DIFFRACTION' ? 
r_angle_other_deg            0.656  3.000  ? 1432 'X-RAY DIFFRACTION' ? 
r_dihedral_angle_1_deg       5.471  5.000  ? 81   'X-RAY DIFFRACTION' ? 
r_dihedral_angle_2_deg       33.556 24.138 ? 29   'X-RAY DIFFRACTION' ? 
r_dihedral_angle_3_deg       14.963 15.000 ? 108  'X-RAY DIFFRACTION' ? 
r_dihedral_angle_4_deg       18.361 15.000 ? 7    'X-RAY DIFFRACTION' ? 
r_chiral_restr               0.073  0.200  ? 99   'X-RAY DIFFRACTION' ? 
r_gen_planes_refined         0.006  0.021  ? 723  'X-RAY DIFFRACTION' ? 
r_gen_planes_other           0.001  0.020  ? 136  'X-RAY DIFFRACTION' ? 
r_nbd_refined                ?      ?      ? ?    'X-RAY DIFFRACTION' ? 
r_nbd_other                  ?      ?      ? ?    'X-RAY DIFFRACTION' ? 
r_nbtor_refined              ?      ?      ? ?    'X-RAY DIFFRACTION' ? 
r_nbtor_other                ?      ?      ? ?    'X-RAY DIFFRACTION' ? 
r_xyhbond_nbd_refined        ?      ?      ? ?    'X-RAY DIFFRACTION' ? 
r_xyhbond_nbd_other          ?      ?      ? ?    'X-RAY DIFFRACTION' ? 
r_metal_ion_refined          ?      ?      ? ?    'X-RAY DIFFRACTION' ? 
r_metal_ion_other            ?      ?      ? ?    'X-RAY DIFFRACTION' ? 
r_symmetry_vdw_refined       ?      ?      ? ?    'X-RAY DIFFRACTION' ? 
r_symmetry_vdw_other         ?      ?      ? ?    'X-RAY DIFFRACTION' ? 
r_symmetry_hbond_refined     ?      ?      ? ?    'X-RAY DIFFRACTION' ? 
r_symmetry_hbond_other       ?      ?      ? ?    'X-RAY DIFFRACTION' ? 
r_symmetry_metal_ion_refined ?      ?      ? ?    'X-RAY DIFFRACTION' ? 
r_symmetry_metal_ion_other   ?      ?      ? ?    'X-RAY DIFFRACTION' ? 
r_mcbond_it                  4.412  5.164  ? 327  'X-RAY DIFFRACTION' ? 
r_mcbond_other               4.417  5.144  ? 326  'X-RAY DIFFRACTION' ? 
r_mcangle_it                 5.924  7.699  ? 407  'X-RAY DIFFRACTION' ? 
r_mcangle_other              ?      ?      ? ?    'X-RAY DIFFRACTION' ? 
r_scbond_it                  6.035  5.992  ? 306  'X-RAY DIFFRACTION' ? 
r_scbond_other               ?      ?      ? ?    'X-RAY DIFFRACTION' ? 
r_scangle_it                 ?      ?      ? ?    'X-RAY DIFFRACTION' ? 
r_scangle_other              ?      ?      ? ?    'X-RAY DIFFRACTION' ? 
r_long_range_B_refined       ?      ?      ? ?    'X-RAY DIFFRACTION' ? 
r_long_range_B_other         ?      ?      ? ?    'X-RAY DIFFRACTION' ? 
r_rigid_bond_restr           ?      ?      ? ?    'X-RAY DIFFRACTION' ? 
r_sphericity_free            ?      ?      ? ?    'X-RAY DIFFRACTION' ? 
r_sphericity_bonded          ?      ?      ? ?    'X-RAY DIFFRACTION' ? 
# 
_refine_ls_shell.pdbx_refine_id                   'X-RAY DIFFRACTION' 
_refine_ls_shell.pdbx_total_number_of_bins_used   20 
_refine_ls_shell.d_res_high                       2.302 
_refine_ls_shell.d_res_low                        2.362 
_refine_ls_shell.number_reflns_R_work             528 
_refine_ls_shell.R_factor_R_work                  0.225 
_refine_ls_shell.percent_reflns_obs               99.82 
_refine_ls_shell.R_factor_R_free                  0.345 
_refine_ls_shell.R_factor_R_free_error            ? 
_refine_ls_shell.percent_reflns_R_free            ? 
_refine_ls_shell.number_reflns_R_free             23 
_refine_ls_shell.number_reflns_all                ? 
_refine_ls_shell.R_factor_all                     ? 
_refine_ls_shell.R_factor_obs                     ? 
_refine_ls_shell.number_reflns_obs                ? 
# 
_struct.entry_id                  5G25 
_struct.title                     'Type IV-like pilin TTHA1218 from Thermus thermophilus' 
_struct.pdbx_model_details        ? 
_struct.pdbx_CASP_flag            ? 
_struct.pdbx_model_type_details   ? 
# 
_struct_keywords.entry_id        5G25 
_struct_keywords.pdbx_keywords   'STRUCTURAL PROTEIN' 
_struct_keywords.text            'STRUCTURAL PROTEIN, NATURAL COMPETENCE, TYPE IV PILUS, DNA UPTAKE' 
# 
loop_
_struct_asym.id 
_struct_asym.pdbx_blank_PDB_chainid_flag 
_struct_asym.pdbx_modified 
_struct_asym.entity_id 
_struct_asym.details 
A N N 1 ? 
B N N 2 ? 
C N N 3 ? 
# 
_struct_ref.id                         1 
_struct_ref.db_name                    UNP 
_struct_ref.db_code                    Q5SIZ6_THET8 
_struct_ref.entity_id                  1 
_struct_ref.pdbx_seq_one_letter_code   ? 
_struct_ref.pdbx_align_begin           ? 
_struct_ref.pdbx_db_accession          Q5SIZ6 
_struct_ref.pdbx_db_isoform            ? 
# 
_struct_ref_seq.align_id                      1 
_struct_ref_seq.ref_id                        1 
_struct_ref_seq.pdbx_PDB_id_code              5G25 
_struct_ref_seq.pdbx_strand_id                A 
_struct_ref_seq.seq_align_beg                 2 
_struct_ref_seq.pdbx_seq_align_beg_ins_code   ? 
_struct_ref_seq.seq_align_end                 89 
_struct_ref_seq.pdbx_seq_align_end_ins_code   ? 
_struct_ref_seq.pdbx_db_accession             Q5SIZ6 
_struct_ref_seq.db_align_beg                  36 
_struct_ref_seq.pdbx_db_align_beg_ins_code    ? 
_struct_ref_seq.db_align_end                  123 
_struct_ref_seq.pdbx_db_align_end_ins_code    ? 
_struct_ref_seq.pdbx_auth_seq_align_beg       36 
_struct_ref_seq.pdbx_auth_seq_align_end       123 
# 
loop_
_struct_ref_seq_dif.align_id 
_struct_ref_seq_dif.pdbx_pdb_id_code 
_struct_ref_seq_dif.mon_id 
_struct_ref_seq_dif.pdbx_pdb_strand_id 
_struct_ref_seq_dif.seq_num 
_struct_ref_seq_dif.pdbx_pdb_ins_code 
_struct_ref_seq_dif.pdbx_seq_db_name 
_struct_ref_seq_dif.pdbx_seq_db_accession_code 
_struct_ref_seq_dif.db_mon_id 
_struct_ref_seq_dif.pdbx_seq_db_seq_num 
_struct_ref_seq_dif.details 
_struct_ref_seq_dif.pdbx_auth_seq_num 
_struct_ref_seq_dif.pdbx_ordinal 
1 5G25 MET A 1  ? UNP Q5SIZ6 ? ? 'expression tag' 35  1 
1 5G25 LEU A 90 ? UNP Q5SIZ6 ? ? 'expression tag' 124 2 
1 5G25 GLU A 91 ? UNP Q5SIZ6 ? ? 'expression tag' 125 3 
1 5G25 HIS A 92 ? UNP Q5SIZ6 ? ? 'expression tag' 126 4 
1 5G25 HIS A 93 ? UNP Q5SIZ6 ? ? 'expression tag' 127 5 
1 5G25 HIS A 94 ? UNP Q5SIZ6 ? ? 'expression tag' 128 6 
1 5G25 HIS A 95 ? UNP Q5SIZ6 ? ? 'expression tag' 129 7 
1 5G25 HIS A 96 ? UNP Q5SIZ6 ? ? 'expression tag' 130 8 
1 5G25 HIS A 97 ? UNP Q5SIZ6 ? ? 'expression tag' 131 9 
# 
_pdbx_struct_assembly.id                   1 
_pdbx_struct_assembly.details              author_and_software_defined_assembly 
_pdbx_struct_assembly.method_details       PISA 
_pdbx_struct_assembly.oligomeric_details   monomeric 
_pdbx_struct_assembly.oligomeric_count     1 
# 
_pdbx_struct_assembly_gen.assembly_id       1 
_pdbx_struct_assembly_gen.oper_expression   1 
_pdbx_struct_assembly_gen.asym_id_list      A,B,C 
# 
_pdbx_struct_oper_list.id                   1 
_pdbx_struct_oper_list.type                 'identity operation' 
_pdbx_struct_oper_list.name                 1_555 
_pdbx_struct_oper_list.symmetry_operation   x,y,z 
_pdbx_struct_oper_list.matrix[1][1]         1.0000000000 
_pdbx_struct_oper_list.matrix[1][2]         0.0000000000 
_pdbx_struct_oper_list.matrix[1][3]         0.0000000000 
_pdbx_struct_oper_list.vector[1]            0.0000000000 
_pdbx_struct_oper_list.matrix[2][1]         0.0000000000 
_pdbx_struct_oper_list.matrix[2][2]         1.0000000000 
_pdbx_struct_oper_list.matrix[2][3]         0.0000000000 
_pdbx_struct_oper_list.vector[2]            0.0000000000 
_pdbx_struct_oper_list.matrix[3][1]         0.0000000000 
_pdbx_struct_oper_list.matrix[3][2]         0.0000000000 
_pdbx_struct_oper_list.matrix[3][3]         1.0000000000 
_pdbx_struct_oper_list.vector[3]            0.0000000000 
# 
loop_
_struct_conf.conf_type_id 
_struct_conf.id 
_struct_conf.pdbx_PDB_helix_id 
_struct_conf.beg_label_comp_id 
_struct_conf.beg_label_asym_id 
_struct_conf.beg_label_seq_id 
_struct_conf.pdbx_beg_PDB_ins_code 
_struct_conf.end_label_comp_id 
_struct_conf.end_label_asym_id 
_struct_conf.end_label_seq_id 
_struct_conf.pdbx_end_PDB_ins_code 
_struct_conf.beg_auth_comp_id 
_struct_conf.beg_auth_asym_id 
_struct_conf.beg_auth_seq_id 
_struct_conf.end_auth_comp_id 
_struct_conf.end_auth_asym_id 
_struct_conf.end_auth_seq_id 
_struct_conf.pdbx_PDB_helix_class 
_struct_conf.details 
_struct_conf.pdbx_PDB_helix_length 
HELX_P HELX_P1 1 GLN A 10 ? GLN A 25 ? GLN A 44 GLN A 59 1 ? 16 
HELX_P HELX_P2 2 ASP A 26 ? GLN A 28 ? ASP A 60 GLN A 62 5 ? 3  
HELX_P HELX_P3 3 GLY A 29 ? CYS A 34 ? GLY A 63 CYS A 68 1 ? 6  
# 
_struct_conf_type.id          HELX_P 
_struct_conf_type.criteria    ? 
_struct_conf_type.reference   ? 
# 
loop_
_struct_conn.id 
_struct_conn.conn_type_id 
_struct_conn.pdbx_leaving_atom_flag 
_struct_conn.pdbx_PDB_id 
_struct_conn.ptnr1_label_asym_id 
_struct_conn.ptnr1_label_comp_id 
_struct_conn.ptnr1_label_seq_id 
_struct_conn.ptnr1_label_atom_id 
_struct_conn.pdbx_ptnr1_label_alt_id 
_struct_conn.pdbx_ptnr1_PDB_ins_code 
_struct_conn.pdbx_ptnr1_standard_comp_id 
_struct_conn.ptnr1_symmetry 
_struct_conn.ptnr2_label_asym_id 
_struct_conn.ptnr2_label_comp_id 
_struct_conn.ptnr2_label_seq_id 
_struct_conn.ptnr2_label_atom_id 
_struct_conn.pdbx_ptnr2_label_alt_id 
_struct_conn.pdbx_ptnr2_PDB_ins_code 
_struct_conn.ptnr1_auth_asym_id 
_struct_conn.ptnr1_auth_comp_id 
_struct_conn.ptnr1_auth_seq_id 
_struct_conn.ptnr2_auth_asym_id 
_struct_conn.ptnr2_auth_comp_id 
_struct_conn.ptnr2_auth_seq_id 
_struct_conn.ptnr2_symmetry 
_struct_conn.pdbx_ptnr3_label_atom_id 
_struct_conn.pdbx_ptnr3_label_seq_id 
_struct_conn.pdbx_ptnr3_label_comp_id 
_struct_conn.pdbx_ptnr3_label_asym_id 
_struct_conn.pdbx_ptnr3_label_alt_id 
_struct_conn.pdbx_ptnr3_PDB_ins_code 
_struct_conn.details 
_struct_conn.pdbx_dist_value 
_struct_conn.pdbx_value_order 
_struct_conn.pdbx_role 
disulf1 disulf ? ? A CYS 34 SG ? ? ? 1_555 A CYS 47 SG ? ? A CYS 68 A CYS 81 1_555 ? ? ? ? ? ? ? 2.033 ? ? 
disulf2 disulf ? ? A CYS 52 SG ? ? ? 1_555 A CYS 62 SG ? ? A CYS 86 A CYS 96 1_555 ? ? ? ? ? ? ? 2.040 ? ? 
# 
_struct_conn_type.id          disulf 
_struct_conn_type.criteria    ? 
_struct_conn_type.reference   ? 
# 
loop_
_pdbx_modification_feature.ordinal 
_pdbx_modification_feature.label_comp_id 
_pdbx_modification_feature.label_asym_id 
_pdbx_modification_feature.label_seq_id 
_pdbx_modification_feature.label_alt_id 
_pdbx_modification_feature.modified_residue_label_comp_id 
_pdbx_modification_feature.modified_residue_label_asym_id 
_pdbx_modification_feature.modified_residue_label_seq_id 
_pdbx_modification_feature.modified_residue_label_alt_id 
_pdbx_modification_feature.auth_comp_id 
_pdbx_modification_feature.auth_asym_id 
_pdbx_modification_feature.auth_seq_id 
_pdbx_modification_feature.PDB_ins_code 
_pdbx_modification_feature.symmetry 
_pdbx_modification_feature.modified_residue_auth_comp_id 
_pdbx_modification_feature.modified_residue_auth_asym_id 
_pdbx_modification_feature.modified_residue_auth_seq_id 
_pdbx_modification_feature.modified_residue_PDB_ins_code 
_pdbx_modification_feature.modified_residue_symmetry 
_pdbx_modification_feature.comp_id_linking_atom 
_pdbx_modification_feature.modified_residue_id_linking_atom 
_pdbx_modification_feature.modified_residue_id 
_pdbx_modification_feature.ref_pcm_id 
_pdbx_modification_feature.ref_comp_id 
_pdbx_modification_feature.type 
_pdbx_modification_feature.category 
1 CYS A 34 ? CYS A 47 ? CYS A 68 ? 1_555 CYS A 81 ? 1_555 SG SG . . . None 'Disulfide bridge' 
2 CYS A 52 ? CYS A 62 ? CYS A 86 ? 1_555 CYS A 96 ? 1_555 SG SG . . . None 'Disulfide bridge' 
# 
_struct_mon_prot_cis.pdbx_id                1 
_struct_mon_prot_cis.label_comp_id          CYS 
_struct_mon_prot_cis.label_seq_id           62 
_struct_mon_prot_cis.label_asym_id          A 
_struct_mon_prot_cis.label_alt_id           . 
_struct_mon_prot_cis.pdbx_PDB_ins_code      ? 
_struct_mon_prot_cis.auth_comp_id           CYS 
_struct_mon_prot_cis.auth_seq_id            96 
_struct_mon_prot_cis.auth_asym_id           A 
_struct_mon_prot_cis.pdbx_label_comp_id_2   PRO 
_struct_mon_prot_cis.pdbx_label_seq_id_2    63 
_struct_mon_prot_cis.pdbx_label_asym_id_2   A 
_struct_mon_prot_cis.pdbx_PDB_ins_code_2    ? 
_struct_mon_prot_cis.pdbx_auth_comp_id_2    PRO 
_struct_mon_prot_cis.pdbx_auth_seq_id_2     97 
_struct_mon_prot_cis.pdbx_auth_asym_id_2    A 
_struct_mon_prot_cis.pdbx_PDB_model_num     1 
_struct_mon_prot_cis.pdbx_omega_angle       -4.18 
# 
loop_
_struct_sheet.id 
_struct_sheet.type 
_struct_sheet.number_strands 
_struct_sheet.details 
AA ? 2 ? 
AB ? 2 ? 
AC ? 4 ? 
AD ? 4 ? 
# 
loop_
_struct_sheet_order.sheet_id 
_struct_sheet_order.range_id_1 
_struct_sheet_order.range_id_2 
_struct_sheet_order.offset 
_struct_sheet_order.sense 
AA 1 2 ? anti-parallel 
AB 1 2 ? parallel      
AC 1 2 ? anti-parallel 
AC 2 3 ? anti-parallel 
AC 3 4 ? parallel      
AD 1 2 ? anti-parallel 
AD 2 3 ? anti-parallel 
AD 3 4 ? anti-parallel 
# 
loop_
_struct_sheet_range.sheet_id 
_struct_sheet_range.id 
_struct_sheet_range.beg_label_comp_id 
_struct_sheet_range.beg_label_asym_id 
_struct_sheet_range.beg_label_seq_id 
_struct_sheet_range.pdbx_beg_PDB_ins_code 
_struct_sheet_range.end_label_comp_id 
_struct_sheet_range.end_label_asym_id 
_struct_sheet_range.end_label_seq_id 
_struct_sheet_range.pdbx_end_PDB_ins_code 
_struct_sheet_range.beg_auth_comp_id 
_struct_sheet_range.beg_auth_asym_id 
_struct_sheet_range.beg_auth_seq_id 
_struct_sheet_range.end_auth_comp_id 
_struct_sheet_range.end_auth_asym_id 
_struct_sheet_range.end_auth_seq_id 
AA 1 GLY A 36 ? LEU A 40 ? GLY A 70  LEU A 74  
AA 2 LYS A 43 ? VAL A 54 ? LYS A 77  VAL A 88  
AB 1 LEU A 60 ? ALA A 61 ? LEU A 94  ALA A 95  
AB 2 LYS A 43 ? VAL A 54 ? LYS A 77  VAL A 88  
AC 1 LYS A 80 ? TYR A 87 ? LYS A 114 TYR A 121 
AC 2 ALA A 70 ? VAL A 77 ? ALA A 104 VAL A 111 
AC 3 LYS A 43 ? VAL A 54 ? LYS A 77  VAL A 88  
AC 4 LEU A 60 ? ALA A 61 ? LEU A 94  ALA A 95  
AD 1 LYS A 80 ? TYR A 87 ? LYS A 114 TYR A 121 
AD 2 ALA A 70 ? VAL A 77 ? ALA A 104 VAL A 111 
AD 3 LYS A 43 ? VAL A 54 ? LYS A 77  VAL A 88  
AD 4 GLY A 36 ? LEU A 40 ? GLY A 70  LEU A 74  
# 
loop_
_pdbx_struct_sheet_hbond.sheet_id 
_pdbx_struct_sheet_hbond.range_id_1 
_pdbx_struct_sheet_hbond.range_id_2 
_pdbx_struct_sheet_hbond.range_1_label_atom_id 
_pdbx_struct_sheet_hbond.range_1_label_comp_id 
_pdbx_struct_sheet_hbond.range_1_label_asym_id 
_pdbx_struct_sheet_hbond.range_1_label_seq_id 
_pdbx_struct_sheet_hbond.range_1_PDB_ins_code 
_pdbx_struct_sheet_hbond.range_1_auth_atom_id 
_pdbx_struct_sheet_hbond.range_1_auth_comp_id 
_pdbx_struct_sheet_hbond.range_1_auth_asym_id 
_pdbx_struct_sheet_hbond.range_1_auth_seq_id 
_pdbx_struct_sheet_hbond.range_2_label_atom_id 
_pdbx_struct_sheet_hbond.range_2_label_comp_id 
_pdbx_struct_sheet_hbond.range_2_label_asym_id 
_pdbx_struct_sheet_hbond.range_2_label_seq_id 
_pdbx_struct_sheet_hbond.range_2_PDB_ins_code 
_pdbx_struct_sheet_hbond.range_2_auth_atom_id 
_pdbx_struct_sheet_hbond.range_2_auth_comp_id 
_pdbx_struct_sheet_hbond.range_2_auth_asym_id 
_pdbx_struct_sheet_hbond.range_2_auth_seq_id 
AA 1 2 N LEU A 40 ? N LEU A 74  O LYS A 43 ? O LYS A 77  
AB 1 2 N ALA A 61 ? N ALA A 95  O ASN A 53 ? O ASN A 87  
AC 1 2 N VAL A 86 ? N VAL A 120 O PHE A 71 ? O PHE A 105 
AC 2 3 N ARG A 76 ? N ARG A 110 O THR A 46 ? O THR A 80  
AC 3 4 N ASN A 53 ? N ASN A 87  O ALA A 61 ? O ALA A 95  
AD 1 2 N VAL A 86 ? N VAL A 120 O PHE A 71 ? O PHE A 105 
AD 2 3 N ARG A 76 ? N ARG A 110 O THR A 46 ? O THR A 80  
AD 3 4 N CYS A 47 ? N CYS A 81  O GLY A 36 ? O GLY A 70  
# 
_struct_site.id                   AC1 
_struct_site.pdbx_evidence_code   Software 
_struct_site.pdbx_auth_asym_id    A 
_struct_site.pdbx_auth_comp_id    GOL 
_struct_site.pdbx_auth_seq_id     1126 
_struct_site.pdbx_auth_ins_code   ? 
_struct_site.pdbx_num_residues    7 
_struct_site.details              'BINDING SITE FOR RESIDUE GOL A 1126' 
# 
loop_
_struct_site_gen.id 
_struct_site_gen.site_id 
_struct_site_gen.pdbx_num_res 
_struct_site_gen.label_comp_id 
_struct_site_gen.label_asym_id 
_struct_site_gen.label_seq_id 
_struct_site_gen.pdbx_auth_ins_code 
_struct_site_gen.auth_comp_id 
_struct_site_gen.auth_asym_id 
_struct_site_gen.auth_seq_id 
_struct_site_gen.label_atom_id 
_struct_site_gen.label_alt_id 
_struct_site_gen.symmetry 
_struct_site_gen.details 
1 AC1 7 ALA A 32 ? ALA A 66 . ? 1_555  ? 
2 AC1 7 ALA A 32 ? ALA A 66 . ? 54_555 ? 
3 AC1 7 LEU A 33 ? LEU A 67 . ? 54_555 ? 
4 AC1 7 ASN A 35 ? ASN A 69 . ? 54_555 ? 
5 AC1 7 ASN A 35 ? ASN A 69 . ? 1_555  ? 
6 AC1 7 GLY A 36 ? GLY A 70 . ? 54_555 ? 
7 AC1 7 ALA A 37 ? ALA A 71 . ? 54_555 ? 
# 
_pdbx_entry_details.entry_id                   5G25 
_pdbx_entry_details.compound_details           ? 
_pdbx_entry_details.source_details             ? 
_pdbx_entry_details.nonpolymer_details         ? 
_pdbx_entry_details.sequence_details           ? 
_pdbx_entry_details.has_ligand_of_interest     ? 
_pdbx_entry_details.has_protein_modification   Y 
# 
loop_
_pdbx_validate_torsion.id 
_pdbx_validate_torsion.PDB_model_num 
_pdbx_validate_torsion.auth_comp_id 
_pdbx_validate_torsion.auth_asym_id 
_pdbx_validate_torsion.auth_seq_id 
_pdbx_validate_torsion.PDB_ins_code 
_pdbx_validate_torsion.label_alt_id 
_pdbx_validate_torsion.phi 
_pdbx_validate_torsion.psi 
1 1 ASN A 69  ? ? -152.15 53.89   
2 1 GLU A 112 ? ? 54.85   -129.70 
# 
loop_
_pdbx_unobs_or_zero_occ_residues.id 
_pdbx_unobs_or_zero_occ_residues.PDB_model_num 
_pdbx_unobs_or_zero_occ_residues.polymer_flag 
_pdbx_unobs_or_zero_occ_residues.occupancy_flag 
_pdbx_unobs_or_zero_occ_residues.auth_asym_id 
_pdbx_unobs_or_zero_occ_residues.auth_comp_id 
_pdbx_unobs_or_zero_occ_residues.auth_seq_id 
_pdbx_unobs_or_zero_occ_residues.PDB_ins_code 
_pdbx_unobs_or_zero_occ_residues.label_asym_id 
_pdbx_unobs_or_zero_occ_residues.label_comp_id 
_pdbx_unobs_or_zero_occ_residues.label_seq_id 
1  1 Y 1 A MET 35  ? A MET 1  
2  1 Y 1 A ALA 36  ? A ALA 2  
3  1 Y 1 A GLY 37  ? A GLY 3  
4  1 Y 1 A GLN 38  ? A GLN 4  
5  1 Y 1 A GLN 39  ? A GLN 5  
6  1 Y 1 A GLY 40  ? A GLY 6  
7  1 Y 1 A ARG 41  ? A ARG 7  
8  1 Y 1 A GLU 42  ? A GLU 8  
9  1 Y 1 A LEU 43  ? A LEU 9  
10 1 Y 1 A HIS 126 ? A HIS 92 
11 1 Y 1 A HIS 127 ? A HIS 93 
12 1 Y 1 A HIS 128 ? A HIS 94 
13 1 Y 1 A HIS 129 ? A HIS 95 
14 1 Y 1 A HIS 130 ? A HIS 96 
15 1 Y 1 A HIS 131 ? A HIS 97 
# 
loop_
_chem_comp_atom.comp_id 
_chem_comp_atom.atom_id 
_chem_comp_atom.type_symbol 
_chem_comp_atom.pdbx_aromatic_flag 
_chem_comp_atom.pdbx_stereo_config 
_chem_comp_atom.pdbx_ordinal 
ALA N    N N N 1   
ALA CA   C N S 2   
ALA C    C N N 3   
ALA O    O N N 4   
ALA CB   C N N 5   
ALA OXT  O N N 6   
ALA H    H N N 7   
ALA H2   H N N 8   
ALA HA   H N N 9   
ALA HB1  H N N 10  
ALA HB2  H N N 11  
ALA HB3  H N N 12  
ALA HXT  H N N 13  
ARG N    N N N 14  
ARG CA   C N S 15  
ARG C    C N N 16  
ARG O    O N N 17  
ARG CB   C N N 18  
ARG CG   C N N 19  
ARG CD   C N N 20  
ARG NE   N N N 21  
ARG CZ   C N N 22  
ARG NH1  N N N 23  
ARG NH2  N N N 24  
ARG OXT  O N N 25  
ARG H    H N N 26  
ARG H2   H N N 27  
ARG HA   H N N 28  
ARG HB2  H N N 29  
ARG HB3  H N N 30  
ARG HG2  H N N 31  
ARG HG3  H N N 32  
ARG HD2  H N N 33  
ARG HD3  H N N 34  
ARG HE   H N N 35  
ARG HH11 H N N 36  
ARG HH12 H N N 37  
ARG HH21 H N N 38  
ARG HH22 H N N 39  
ARG HXT  H N N 40  
ASN N    N N N 41  
ASN CA   C N S 42  
ASN C    C N N 43  
ASN O    O N N 44  
ASN CB   C N N 45  
ASN CG   C N N 46  
ASN OD1  O N N 47  
ASN ND2  N N N 48  
ASN OXT  O N N 49  
ASN H    H N N 50  
ASN H2   H N N 51  
ASN HA   H N N 52  
ASN HB2  H N N 53  
ASN HB3  H N N 54  
ASN HD21 H N N 55  
ASN HD22 H N N 56  
ASN HXT  H N N 57  
ASP N    N N N 58  
ASP CA   C N S 59  
ASP C    C N N 60  
ASP O    O N N 61  
ASP CB   C N N 62  
ASP CG   C N N 63  
ASP OD1  O N N 64  
ASP OD2  O N N 65  
ASP OXT  O N N 66  
ASP H    H N N 67  
ASP H2   H N N 68  
ASP HA   H N N 69  
ASP HB2  H N N 70  
ASP HB3  H N N 71  
ASP HD2  H N N 72  
ASP HXT  H N N 73  
CYS N    N N N 74  
CYS CA   C N R 75  
CYS C    C N N 76  
CYS O    O N N 77  
CYS CB   C N N 78  
CYS SG   S N N 79  
CYS OXT  O N N 80  
CYS H    H N N 81  
CYS H2   H N N 82  
CYS HA   H N N 83  
CYS HB2  H N N 84  
CYS HB3  H N N 85  
CYS HG   H N N 86  
CYS HXT  H N N 87  
GLN N    N N N 88  
GLN CA   C N S 89  
GLN C    C N N 90  
GLN O    O N N 91  
GLN CB   C N N 92  
GLN CG   C N N 93  
GLN CD   C N N 94  
GLN OE1  O N N 95  
GLN NE2  N N N 96  
GLN OXT  O N N 97  
GLN H    H N N 98  
GLN H2   H N N 99  
GLN HA   H N N 100 
GLN HB2  H N N 101 
GLN HB3  H N N 102 
GLN HG2  H N N 103 
GLN HG3  H N N 104 
GLN HE21 H N N 105 
GLN HE22 H N N 106 
GLN HXT  H N N 107 
GLU N    N N N 108 
GLU CA   C N S 109 
GLU C    C N N 110 
GLU O    O N N 111 
GLU CB   C N N 112 
GLU CG   C N N 113 
GLU CD   C N N 114 
GLU OE1  O N N 115 
GLU OE2  O N N 116 
GLU OXT  O N N 117 
GLU H    H N N 118 
GLU H2   H N N 119 
GLU HA   H N N 120 
GLU HB2  H N N 121 
GLU HB3  H N N 122 
GLU HG2  H N N 123 
GLU HG3  H N N 124 
GLU HE2  H N N 125 
GLU HXT  H N N 126 
GLY N    N N N 127 
GLY CA   C N N 128 
GLY C    C N N 129 
GLY O    O N N 130 
GLY OXT  O N N 131 
GLY H    H N N 132 
GLY H2   H N N 133 
GLY HA2  H N N 134 
GLY HA3  H N N 135 
GLY HXT  H N N 136 
GOL C1   C N N 137 
GOL O1   O N N 138 
GOL C2   C N N 139 
GOL O2   O N N 140 
GOL C3   C N N 141 
GOL O3   O N N 142 
GOL H11  H N N 143 
GOL H12  H N N 144 
GOL HO1  H N N 145 
GOL H2   H N N 146 
GOL HO2  H N N 147 
GOL H31  H N N 148 
GOL H32  H N N 149 
GOL HO3  H N N 150 
HIS N    N N N 151 
HIS CA   C N S 152 
HIS C    C N N 153 
HIS O    O N N 154 
HIS CB   C N N 155 
HIS CG   C Y N 156 
HIS ND1  N Y N 157 
HIS CD2  C Y N 158 
HIS CE1  C Y N 159 
HIS NE2  N Y N 160 
HIS OXT  O N N 161 
HIS H    H N N 162 
HIS H2   H N N 163 
HIS HA   H N N 164 
HIS HB2  H N N 165 
HIS HB3  H N N 166 
HIS HD1  H N N 167 
HIS HD2  H N N 168 
HIS HE1  H N N 169 
HIS HE2  H N N 170 
HIS HXT  H N N 171 
HOH O    O N N 172 
HOH H1   H N N 173 
HOH H2   H N N 174 
ILE N    N N N 175 
ILE CA   C N S 176 
ILE C    C N N 177 
ILE O    O N N 178 
ILE CB   C N S 179 
ILE CG1  C N N 180 
ILE CG2  C N N 181 
ILE CD1  C N N 182 
ILE OXT  O N N 183 
ILE H    H N N 184 
ILE H2   H N N 185 
ILE HA   H N N 186 
ILE HB   H N N 187 
ILE HG12 H N N 188 
ILE HG13 H N N 189 
ILE HG21 H N N 190 
ILE HG22 H N N 191 
ILE HG23 H N N 192 
ILE HD11 H N N 193 
ILE HD12 H N N 194 
ILE HD13 H N N 195 
ILE HXT  H N N 196 
LEU N    N N N 197 
LEU CA   C N S 198 
LEU C    C N N 199 
LEU O    O N N 200 
LEU CB   C N N 201 
LEU CG   C N N 202 
LEU CD1  C N N 203 
LEU CD2  C N N 204 
LEU OXT  O N N 205 
LEU H    H N N 206 
LEU H2   H N N 207 
LEU HA   H N N 208 
LEU HB2  H N N 209 
LEU HB3  H N N 210 
LEU HG   H N N 211 
LEU HD11 H N N 212 
LEU HD12 H N N 213 
LEU HD13 H N N 214 
LEU HD21 H N N 215 
LEU HD22 H N N 216 
LEU HD23 H N N 217 
LEU HXT  H N N 218 
LYS N    N N N 219 
LYS CA   C N S 220 
LYS C    C N N 221 
LYS O    O N N 222 
LYS CB   C N N 223 
LYS CG   C N N 224 
LYS CD   C N N 225 
LYS CE   C N N 226 
LYS NZ   N N N 227 
LYS OXT  O N N 228 
LYS H    H N N 229 
LYS H2   H N N 230 
LYS HA   H N N 231 
LYS HB2  H N N 232 
LYS HB3  H N N 233 
LYS HG2  H N N 234 
LYS HG3  H N N 235 
LYS HD2  H N N 236 
LYS HD3  H N N 237 
LYS HE2  H N N 238 
LYS HE3  H N N 239 
LYS HZ1  H N N 240 
LYS HZ2  H N N 241 
LYS HZ3  H N N 242 
LYS HXT  H N N 243 
MET N    N N N 244 
MET CA   C N S 245 
MET C    C N N 246 
MET O    O N N 247 
MET CB   C N N 248 
MET CG   C N N 249 
MET SD   S N N 250 
MET CE   C N N 251 
MET OXT  O N N 252 
MET H    H N N 253 
MET H2   H N N 254 
MET HA   H N N 255 
MET HB2  H N N 256 
MET HB3  H N N 257 
MET HG2  H N N 258 
MET HG3  H N N 259 
MET HE1  H N N 260 
MET HE2  H N N 261 
MET HE3  H N N 262 
MET HXT  H N N 263 
PHE N    N N N 264 
PHE CA   C N S 265 
PHE C    C N N 266 
PHE O    O N N 267 
PHE CB   C N N 268 
PHE CG   C Y N 269 
PHE CD1  C Y N 270 
PHE CD2  C Y N 271 
PHE CE1  C Y N 272 
PHE CE2  C Y N 273 
PHE CZ   C Y N 274 
PHE OXT  O N N 275 
PHE H    H N N 276 
PHE H2   H N N 277 
PHE HA   H N N 278 
PHE HB2  H N N 279 
PHE HB3  H N N 280 
PHE HD1  H N N 281 
PHE HD2  H N N 282 
PHE HE1  H N N 283 
PHE HE2  H N N 284 
PHE HZ   H N N 285 
PHE HXT  H N N 286 
PRO N    N N N 287 
PRO CA   C N S 288 
PRO C    C N N 289 
PRO O    O N N 290 
PRO CB   C N N 291 
PRO CG   C N N 292 
PRO CD   C N N 293 
PRO OXT  O N N 294 
PRO H    H N N 295 
PRO HA   H N N 296 
PRO HB2  H N N 297 
PRO HB3  H N N 298 
PRO HG2  H N N 299 
PRO HG3  H N N 300 
PRO HD2  H N N 301 
PRO HD3  H N N 302 
PRO HXT  H N N 303 
THR N    N N N 304 
THR CA   C N S 305 
THR C    C N N 306 
THR O    O N N 307 
THR CB   C N R 308 
THR OG1  O N N 309 
THR CG2  C N N 310 
THR OXT  O N N 311 
THR H    H N N 312 
THR H2   H N N 313 
THR HA   H N N 314 
THR HB   H N N 315 
THR HG1  H N N 316 
THR HG21 H N N 317 
THR HG22 H N N 318 
THR HG23 H N N 319 
THR HXT  H N N 320 
TYR N    N N N 321 
TYR CA   C N S 322 
TYR C    C N N 323 
TYR O    O N N 324 
TYR CB   C N N 325 
TYR CG   C Y N 326 
TYR CD1  C Y N 327 
TYR CD2  C Y N 328 
TYR CE1  C Y N 329 
TYR CE2  C Y N 330 
TYR CZ   C Y N 331 
TYR OH   O N N 332 
TYR OXT  O N N 333 
TYR H    H N N 334 
TYR H2   H N N 335 
TYR HA   H N N 336 
TYR HB2  H N N 337 
TYR HB3  H N N 338 
TYR HD1  H N N 339 
TYR HD2  H N N 340 
TYR HE1  H N N 341 
TYR HE2  H N N 342 
TYR HH   H N N 343 
TYR HXT  H N N 344 
VAL N    N N N 345 
VAL CA   C N S 346 
VAL C    C N N 347 
VAL O    O N N 348 
VAL CB   C N N 349 
VAL CG1  C N N 350 
VAL CG2  C N N 351 
VAL OXT  O N N 352 
VAL H    H N N 353 
VAL H2   H N N 354 
VAL HA   H N N 355 
VAL HB   H N N 356 
VAL HG11 H N N 357 
VAL HG12 H N N 358 
VAL HG13 H N N 359 
VAL HG21 H N N 360 
VAL HG22 H N N 361 
VAL HG23 H N N 362 
VAL HXT  H N N 363 
# 
loop_
_chem_comp_bond.comp_id 
_chem_comp_bond.atom_id_1 
_chem_comp_bond.atom_id_2 
_chem_comp_bond.value_order 
_chem_comp_bond.pdbx_aromatic_flag 
_chem_comp_bond.pdbx_stereo_config 
_chem_comp_bond.pdbx_ordinal 
ALA N   CA   sing N N 1   
ALA N   H    sing N N 2   
ALA N   H2   sing N N 3   
ALA CA  C    sing N N 4   
ALA CA  CB   sing N N 5   
ALA CA  HA   sing N N 6   
ALA C   O    doub N N 7   
ALA C   OXT  sing N N 8   
ALA CB  HB1  sing N N 9   
ALA CB  HB2  sing N N 10  
ALA CB  HB3  sing N N 11  
ALA OXT HXT  sing N N 12  
ARG N   CA   sing N N 13  
ARG N   H    sing N N 14  
ARG N   H2   sing N N 15  
ARG CA  C    sing N N 16  
ARG CA  CB   sing N N 17  
ARG CA  HA   sing N N 18  
ARG C   O    doub N N 19  
ARG C   OXT  sing N N 20  
ARG CB  CG   sing N N 21  
ARG CB  HB2  sing N N 22  
ARG CB  HB3  sing N N 23  
ARG CG  CD   sing N N 24  
ARG CG  HG2  sing N N 25  
ARG CG  HG3  sing N N 26  
ARG CD  NE   sing N N 27  
ARG CD  HD2  sing N N 28  
ARG CD  HD3  sing N N 29  
ARG NE  CZ   sing N N 30  
ARG NE  HE   sing N N 31  
ARG CZ  NH1  sing N N 32  
ARG CZ  NH2  doub N N 33  
ARG NH1 HH11 sing N N 34  
ARG NH1 HH12 sing N N 35  
ARG NH2 HH21 sing N N 36  
ARG NH2 HH22 sing N N 37  
ARG OXT HXT  sing N N 38  
ASN N   CA   sing N N 39  
ASN N   H    sing N N 40  
ASN N   H2   sing N N 41  
ASN CA  C    sing N N 42  
ASN CA  CB   sing N N 43  
ASN CA  HA   sing N N 44  
ASN C   O    doub N N 45  
ASN C   OXT  sing N N 46  
ASN CB  CG   sing N N 47  
ASN CB  HB2  sing N N 48  
ASN CB  HB3  sing N N 49  
ASN CG  OD1  doub N N 50  
ASN CG  ND2  sing N N 51  
ASN ND2 HD21 sing N N 52  
ASN ND2 HD22 sing N N 53  
ASN OXT HXT  sing N N 54  
ASP N   CA   sing N N 55  
ASP N   H    sing N N 56  
ASP N   H2   sing N N 57  
ASP CA  C    sing N N 58  
ASP CA  CB   sing N N 59  
ASP CA  HA   sing N N 60  
ASP C   O    doub N N 61  
ASP C   OXT  sing N N 62  
ASP CB  CG   sing N N 63  
ASP CB  HB2  sing N N 64  
ASP CB  HB3  sing N N 65  
ASP CG  OD1  doub N N 66  
ASP CG  OD2  sing N N 67  
ASP OD2 HD2  sing N N 68  
ASP OXT HXT  sing N N 69  
CYS N   CA   sing N N 70  
CYS N   H    sing N N 71  
CYS N   H2   sing N N 72  
CYS CA  C    sing N N 73  
CYS CA  CB   sing N N 74  
CYS CA  HA   sing N N 75  
CYS C   O    doub N N 76  
CYS C   OXT  sing N N 77  
CYS CB  SG   sing N N 78  
CYS CB  HB2  sing N N 79  
CYS CB  HB3  sing N N 80  
CYS SG  HG   sing N N 81  
CYS OXT HXT  sing N N 82  
GLN N   CA   sing N N 83  
GLN N   H    sing N N 84  
GLN N   H2   sing N N 85  
GLN CA  C    sing N N 86  
GLN CA  CB   sing N N 87  
GLN CA  HA   sing N N 88  
GLN C   O    doub N N 89  
GLN C   OXT  sing N N 90  
GLN CB  CG   sing N N 91  
GLN CB  HB2  sing N N 92  
GLN CB  HB3  sing N N 93  
GLN CG  CD   sing N N 94  
GLN CG  HG2  sing N N 95  
GLN CG  HG3  sing N N 96  
GLN CD  OE1  doub N N 97  
GLN CD  NE2  sing N N 98  
GLN NE2 HE21 sing N N 99  
GLN NE2 HE22 sing N N 100 
GLN OXT HXT  sing N N 101 
GLU N   CA   sing N N 102 
GLU N   H    sing N N 103 
GLU N   H2   sing N N 104 
GLU CA  C    sing N N 105 
GLU CA  CB   sing N N 106 
GLU CA  HA   sing N N 107 
GLU C   O    doub N N 108 
GLU C   OXT  sing N N 109 
GLU CB  CG   sing N N 110 
GLU CB  HB2  sing N N 111 
GLU CB  HB3  sing N N 112 
GLU CG  CD   sing N N 113 
GLU CG  HG2  sing N N 114 
GLU CG  HG3  sing N N 115 
GLU CD  OE1  doub N N 116 
GLU CD  OE2  sing N N 117 
GLU OE2 HE2  sing N N 118 
GLU OXT HXT  sing N N 119 
GLY N   CA   sing N N 120 
GLY N   H    sing N N 121 
GLY N   H2   sing N N 122 
GLY CA  C    sing N N 123 
GLY CA  HA2  sing N N 124 
GLY CA  HA3  sing N N 125 
GLY C   O    doub N N 126 
GLY C   OXT  sing N N 127 
GLY OXT HXT  sing N N 128 
GOL C1  O1   sing N N 129 
GOL C1  C2   sing N N 130 
GOL C1  H11  sing N N 131 
GOL C1  H12  sing N N 132 
GOL O1  HO1  sing N N 133 
GOL C2  O2   sing N N 134 
GOL C2  C3   sing N N 135 
GOL C2  H2   sing N N 136 
GOL O2  HO2  sing N N 137 
GOL C3  O3   sing N N 138 
GOL C3  H31  sing N N 139 
GOL C3  H32  sing N N 140 
GOL O3  HO3  sing N N 141 
HIS N   CA   sing N N 142 
HIS N   H    sing N N 143 
HIS N   H2   sing N N 144 
HIS CA  C    sing N N 145 
HIS CA  CB   sing N N 146 
HIS CA  HA   sing N N 147 
HIS C   O    doub N N 148 
HIS C   OXT  sing N N 149 
HIS CB  CG   sing N N 150 
HIS CB  HB2  sing N N 151 
HIS CB  HB3  sing N N 152 
HIS CG  ND1  sing Y N 153 
HIS CG  CD2  doub Y N 154 
HIS ND1 CE1  doub Y N 155 
HIS ND1 HD1  sing N N 156 
HIS CD2 NE2  sing Y N 157 
HIS CD2 HD2  sing N N 158 
HIS CE1 NE2  sing Y N 159 
HIS CE1 HE1  sing N N 160 
HIS NE2 HE2  sing N N 161 
HIS OXT HXT  sing N N 162 
HOH O   H1   sing N N 163 
HOH O   H2   sing N N 164 
ILE N   CA   sing N N 165 
ILE N   H    sing N N 166 
ILE N   H2   sing N N 167 
ILE CA  C    sing N N 168 
ILE CA  CB   sing N N 169 
ILE CA  HA   sing N N 170 
ILE C   O    doub N N 171 
ILE C   OXT  sing N N 172 
ILE CB  CG1  sing N N 173 
ILE CB  CG2  sing N N 174 
ILE CB  HB   sing N N 175 
ILE CG1 CD1  sing N N 176 
ILE CG1 HG12 sing N N 177 
ILE CG1 HG13 sing N N 178 
ILE CG2 HG21 sing N N 179 
ILE CG2 HG22 sing N N 180 
ILE CG2 HG23 sing N N 181 
ILE CD1 HD11 sing N N 182 
ILE CD1 HD12 sing N N 183 
ILE CD1 HD13 sing N N 184 
ILE OXT HXT  sing N N 185 
LEU N   CA   sing N N 186 
LEU N   H    sing N N 187 
LEU N   H2   sing N N 188 
LEU CA  C    sing N N 189 
LEU CA  CB   sing N N 190 
LEU CA  HA   sing N N 191 
LEU C   O    doub N N 192 
LEU C   OXT  sing N N 193 
LEU CB  CG   sing N N 194 
LEU CB  HB2  sing N N 195 
LEU CB  HB3  sing N N 196 
LEU CG  CD1  sing N N 197 
LEU CG  CD2  sing N N 198 
LEU CG  HG   sing N N 199 
LEU CD1 HD11 sing N N 200 
LEU CD1 HD12 sing N N 201 
LEU CD1 HD13 sing N N 202 
LEU CD2 HD21 sing N N 203 
LEU CD2 HD22 sing N N 204 
LEU CD2 HD23 sing N N 205 
LEU OXT HXT  sing N N 206 
LYS N   CA   sing N N 207 
LYS N   H    sing N N 208 
LYS N   H2   sing N N 209 
LYS CA  C    sing N N 210 
LYS CA  CB   sing N N 211 
LYS CA  HA   sing N N 212 
LYS C   O    doub N N 213 
LYS C   OXT  sing N N 214 
LYS CB  CG   sing N N 215 
LYS CB  HB2  sing N N 216 
LYS CB  HB3  sing N N 217 
LYS CG  CD   sing N N 218 
LYS CG  HG2  sing N N 219 
LYS CG  HG3  sing N N 220 
LYS CD  CE   sing N N 221 
LYS CD  HD2  sing N N 222 
LYS CD  HD3  sing N N 223 
LYS CE  NZ   sing N N 224 
LYS CE  HE2  sing N N 225 
LYS CE  HE3  sing N N 226 
LYS NZ  HZ1  sing N N 227 
LYS NZ  HZ2  sing N N 228 
LYS NZ  HZ3  sing N N 229 
LYS OXT HXT  sing N N 230 
MET N   CA   sing N N 231 
MET N   H    sing N N 232 
MET N   H2   sing N N 233 
MET CA  C    sing N N 234 
MET CA  CB   sing N N 235 
MET CA  HA   sing N N 236 
MET C   O    doub N N 237 
MET C   OXT  sing N N 238 
MET CB  CG   sing N N 239 
MET CB  HB2  sing N N 240 
MET CB  HB3  sing N N 241 
MET CG  SD   sing N N 242 
MET CG  HG2  sing N N 243 
MET CG  HG3  sing N N 244 
MET SD  CE   sing N N 245 
MET CE  HE1  sing N N 246 
MET CE  HE2  sing N N 247 
MET CE  HE3  sing N N 248 
MET OXT HXT  sing N N 249 
PHE N   CA   sing N N 250 
PHE N   H    sing N N 251 
PHE N   H2   sing N N 252 
PHE CA  C    sing N N 253 
PHE CA  CB   sing N N 254 
PHE CA  HA   sing N N 255 
PHE C   O    doub N N 256 
PHE C   OXT  sing N N 257 
PHE CB  CG   sing N N 258 
PHE CB  HB2  sing N N 259 
PHE CB  HB3  sing N N 260 
PHE CG  CD1  doub Y N 261 
PHE CG  CD2  sing Y N 262 
PHE CD1 CE1  sing Y N 263 
PHE CD1 HD1  sing N N 264 
PHE CD2 CE2  doub Y N 265 
PHE CD2 HD2  sing N N 266 
PHE CE1 CZ   doub Y N 267 
PHE CE1 HE1  sing N N 268 
PHE CE2 CZ   sing Y N 269 
PHE CE2 HE2  sing N N 270 
PHE CZ  HZ   sing N N 271 
PHE OXT HXT  sing N N 272 
PRO N   CA   sing N N 273 
PRO N   CD   sing N N 274 
PRO N   H    sing N N 275 
PRO CA  C    sing N N 276 
PRO CA  CB   sing N N 277 
PRO CA  HA   sing N N 278 
PRO C   O    doub N N 279 
PRO C   OXT  sing N N 280 
PRO CB  CG   sing N N 281 
PRO CB  HB2  sing N N 282 
PRO CB  HB3  sing N N 283 
PRO CG  CD   sing N N 284 
PRO CG  HG2  sing N N 285 
PRO CG  HG3  sing N N 286 
PRO CD  HD2  sing N N 287 
PRO CD  HD3  sing N N 288 
PRO OXT HXT  sing N N 289 
THR N   CA   sing N N 290 
THR N   H    sing N N 291 
THR N   H2   sing N N 292 
THR CA  C    sing N N 293 
THR CA  CB   sing N N 294 
THR CA  HA   sing N N 295 
THR C   O    doub N N 296 
THR C   OXT  sing N N 297 
THR CB  OG1  sing N N 298 
THR CB  CG2  sing N N 299 
THR CB  HB   sing N N 300 
THR OG1 HG1  sing N N 301 
THR CG2 HG21 sing N N 302 
THR CG2 HG22 sing N N 303 
THR CG2 HG23 sing N N 304 
THR OXT HXT  sing N N 305 
TYR N   CA   sing N N 306 
TYR N   H    sing N N 307 
TYR N   H2   sing N N 308 
TYR CA  C    sing N N 309 
TYR CA  CB   sing N N 310 
TYR CA  HA   sing N N 311 
TYR C   O    doub N N 312 
TYR C   OXT  sing N N 313 
TYR CB  CG   sing N N 314 
TYR CB  HB2  sing N N 315 
TYR CB  HB3  sing N N 316 
TYR CG  CD1  doub Y N 317 
TYR CG  CD2  sing Y N 318 
TYR CD1 CE1  sing Y N 319 
TYR CD1 HD1  sing N N 320 
TYR CD2 CE2  doub Y N 321 
TYR CD2 HD2  sing N N 322 
TYR CE1 CZ   doub Y N 323 
TYR CE1 HE1  sing N N 324 
TYR CE2 CZ   sing Y N 325 
TYR CE2 HE2  sing N N 326 
TYR CZ  OH   sing N N 327 
TYR OH  HH   sing N N 328 
TYR OXT HXT  sing N N 329 
VAL N   CA   sing N N 330 
VAL N   H    sing N N 331 
VAL N   H2   sing N N 332 
VAL CA  C    sing N N 333 
VAL CA  CB   sing N N 334 
VAL CA  HA   sing N N 335 
VAL C   O    doub N N 336 
VAL C   OXT  sing N N 337 
VAL CB  CG1  sing N N 338 
VAL CB  CG2  sing N N 339 
VAL CB  HB   sing N N 340 
VAL CG1 HG11 sing N N 341 
VAL CG1 HG12 sing N N 342 
VAL CG1 HG13 sing N N 343 
VAL CG2 HG21 sing N N 344 
VAL CG2 HG22 sing N N 345 
VAL CG2 HG23 sing N N 346 
VAL OXT HXT  sing N N 347 
# 
_atom_sites.entry_id                    5G25 
_atom_sites.fract_transf_matrix[1][1]   -0.00390823 
_atom_sites.fract_transf_matrix[1][2]   -0.00290360 
_atom_sites.fract_transf_matrix[1][3]   0.00413229 
_atom_sites.fract_transf_matrix[2][1]   0.00438587 
_atom_sites.fract_transf_matrix[2][2]   -0.00454204 
_atom_sites.fract_transf_matrix[2][3]   0.00095656 
_atom_sites.fract_transf_matrix[3][1]   0.00250416 
_atom_sites.fract_transf_matrix[3][2]   0.00342345 
_atom_sites.fract_transf_matrix[3][3]   0.00477390 
_atom_sites.fract_transf_vector[1]      -0.041462 
_atom_sites.fract_transf_vector[2]      0.050446 
_atom_sites.fract_transf_vector[3]      -0.149933 
# 
loop_
_atom_type.symbol 
C 
N 
O 
S 
# 
loop_
_atom_site.group_PDB 
_atom_site.id 
_atom_site.type_symbol 
_atom_site.label_atom_id 
_atom_site.label_alt_id 
_atom_site.label_comp_id 
_atom_site.label_asym_id 
_atom_site.label_entity_id 
_atom_site.label_seq_id 
_atom_site.pdbx_PDB_ins_code 
_atom_site.Cartn_x 
_atom_site.Cartn_y 
_atom_site.Cartn_z 
_atom_site.occupancy 
_atom_site.B_iso_or_equiv 
_atom_site.pdbx_formal_charge 
_atom_site.auth_seq_id 
_atom_site.auth_comp_id 
_atom_site.auth_asym_id 
_atom_site.auth_atom_id 
_atom_site.pdbx_PDB_model_num 
ATOM   1   N N   . GLN A 1 10 ? 0.568   -17.597 11.572  1.00 73.80  ? 44   GLN A N   1 
ATOM   2   C CA  . GLN A 1 10 ? 1.718   -17.302 10.671  1.00 73.68  ? 44   GLN A CA  1 
ATOM   3   C C   . GLN A 1 10 ? 2.317   -15.918 10.966  1.00 73.41  ? 44   GLN A C   1 
ATOM   4   O O   . GLN A 1 10 ? 1.652   -14.882 10.850  1.00 60.39  ? 44   GLN A O   1 
ATOM   5   C CB  . GLN A 1 10 ? 1.285   -17.367 9.211   1.00 81.13  ? 44   GLN A CB  1 
ATOM   6   C CG  . GLN A 1 10 ? 2.372   -16.949 8.240   1.00 73.84  ? 44   GLN A CG  1 
ATOM   7   C CD  . GLN A 1 10 ? 3.437   -18.008 8.104   1.00 84.29  ? 44   GLN A CD  1 
ATOM   8   O OE1 . GLN A 1 10 ? 4.495   -17.948 8.749   1.00 87.00  ? 44   GLN A OE1 1 
ATOM   9   N NE2 . GLN A 1 10 ? 3.155   -19.005 7.278   1.00 82.28  ? 44   GLN A NE2 1 
ATOM   10  N N   . THR A 1 11 ? 3.589   -15.936 11.337  1.00 70.90  ? 45   THR A N   1 
ATOM   11  C CA  . THR A 1 11 ? 4.366   -14.743 11.616  1.00 68.27  ? 45   THR A CA  1 
ATOM   12  C C   . THR A 1 11 ? 4.440   -13.786 10.427  1.00 63.53  ? 45   THR A C   1 
ATOM   13  O O   . THR A 1 11 ? 4.398   -12.573 10.607  1.00 60.08  ? 45   THR A O   1 
ATOM   14  C CB  . THR A 1 11 ? 5.793   -15.155 12.016  1.00 70.18  ? 45   THR A CB  1 
ATOM   15  O OG1 . THR A 1 11 ? 5.716   -16.067 13.119  1.00 74.47  ? 45   THR A OG1 1 
ATOM   16  C CG2 . THR A 1 11 ? 6.645   -13.936 12.386  1.00 69.77  ? 45   THR A CG2 1 
ATOM   17  N N   . VAL A 1 12 ? 4.563   -14.327 9.216   1.00 56.11  ? 46   VAL A N   1 
ATOM   18  C CA  . VAL A 1 12 ? 4.664   -13.494 8.014   1.00 52.87  ? 46   VAL A CA  1 
ATOM   19  C C   . VAL A 1 12 ? 3.396   -12.669 7.765   1.00 50.24  ? 46   VAL A C   1 
ATOM   20  O O   . VAL A 1 12 ? 3.472   -11.481 7.500   1.00 51.17  ? 46   VAL A O   1 
ATOM   21  C CB  . VAL A 1 12 ? 5.038   -14.337 6.780   1.00 57.38  ? 46   VAL A CB  1 
ATOM   22  C CG1 . VAL A 1 12 ? 4.750   -13.594 5.488   1.00 55.78  ? 46   VAL A CG1 1 
ATOM   23  C CG2 . VAL A 1 12 ? 6.514   -14.740 6.856   1.00 56.35  ? 46   VAL A CG2 1 
ATOM   24  N N   . VAL A 1 13 ? 2.237   -13.293 7.878   1.00 52.67  ? 47   VAL A N   1 
ATOM   25  C CA  . VAL A 1 13 ? 0.976   -12.595 7.709   1.00 57.09  ? 47   VAL A CA  1 
ATOM   26  C C   . VAL A 1 13 ? 0.795   -11.488 8.756   1.00 54.98  ? 47   VAL A C   1 
ATOM   27  O O   . VAL A 1 13 ? 0.347   -10.398 8.446   1.00 56.51  ? 47   VAL A O   1 
ATOM   28  C CB  . VAL A 1 13 ? -0.203  -13.583 7.771   1.00 54.83  ? 47   VAL A CB  1 
ATOM   29  C CG1 . VAL A 1 13 ? -1.526  -12.830 7.899   1.00 55.19  ? 47   VAL A CG1 1 
ATOM   30  C CG2 . VAL A 1 13 ? -0.205  -14.438 6.519   1.00 56.42  ? 47   VAL A CG2 1 
ATOM   31  N N   . ARG A 1 14 ? 1.168   -11.775 9.992   1.00 56.93  ? 48   ARG A N   1 
ATOM   32  C CA  . ARG A 1 14 ? 1.041   -10.800 11.063  1.00 58.22  ? 48   ARG A CA  1 
ATOM   33  C C   . ARG A 1 14 ? 1.909   -9.562  10.779  1.00 54.91  ? 48   ARG A C   1 
ATOM   34  O O   . ARG A 1 14 ? 1.433   -8.438  10.913  1.00 51.68  ? 48   ARG A O   1 
ATOM   35  C CB  . ARG A 1 14 ? 1.435   -11.449 12.398  1.00 66.61  ? 48   ARG A CB  1 
ATOM   36  C CG  . ARG A 1 14 ? 0.793   -10.817 13.631  1.00 82.60  ? 48   ARG A CG  1 
ATOM   37  C CD  . ARG A 1 14 ? 0.887   -11.717 14.868  1.00 92.66  ? 48   ARG A CD  1 
ATOM   38  N NE  . ARG A 1 14 ? 0.430   -13.091 14.608  1.00 99.10  ? 48   ARG A NE  1 
ATOM   39  C CZ  . ARG A 1 14 ? 1.189   -14.190 14.697  1.00 104.72 ? 48   ARG A CZ  1 
ATOM   40  N NH1 . ARG A 1 14 ? 2.470   -14.126 15.063  1.00 99.53  ? 48   ARG A NH1 1 
ATOM   41  N NH2 . ARG A 1 14 ? 0.654   -15.377 14.424  1.00 108.35 ? 48   ARG A NH2 1 
ATOM   42  N N   . GLU A 1 15 ? 3.167   -9.782  10.382  1.00 46.42  ? 49   GLU A N   1 
ATOM   43  C CA  . GLU A 1 15 ? 4.092   -8.707  10.028  1.00 42.77  ? 49   GLU A CA  1 
ATOM   44  C C   . GLU A 1 15 ? 3.661   -7.917  8.813   1.00 43.61  ? 49   GLU A C   1 
ATOM   45  O O   . GLU A 1 15 ? 3.906   -6.720  8.741   1.00 46.28  ? 49   GLU A O   1 
ATOM   46  C CB  . GLU A 1 15 ? 5.484   -9.272  9.741   1.00 45.50  ? 49   GLU A CB  1 
ATOM   47  C CG  . GLU A 1 15 ? 6.169   -9.817  10.957  1.00 50.24  ? 49   GLU A CG  1 
ATOM   48  C CD  . GLU A 1 15 ? 6.328   -8.738  11.985  1.00 55.49  ? 49   GLU A CD  1 
ATOM   49  O OE1 . GLU A 1 15 ? 7.220   -7.860  11.818  1.00 60.20  ? 49   GLU A OE1 1 
ATOM   50  O OE2 . GLU A 1 15 ? 5.519   -8.762  12.934  1.00 59.06  ? 49   GLU A OE2 1 
ATOM   51  N N   . MET A 1 16 ? 3.046   -8.584  7.839   1.00 42.32  ? 50   MET A N   1 
ATOM   52  C CA  . MET A 1 16 ? 2.546   -7.877  6.676   1.00 45.02  ? 50   MET A CA  1 
ATOM   53  C C   . MET A 1 16 ? 1.416   -6.929  7.132   1.00 41.58  ? 50   MET A C   1 
ATOM   54  O O   . MET A 1 16 ? 1.324   -5.797  6.678   1.00 39.01  ? 50   MET A O   1 
ATOM   55  C CB  . MET A 1 16 ? 2.055   -8.852  5.600   1.00 45.14  ? 50   MET A CB  1 
ATOM   56  C CG  . MET A 1 16 ? 3.130   -9.698  4.936   1.00 44.77  ? 50   MET A CG  1 
ATOM   57  S SD  . MET A 1 16 ? 2.387   -10.975 3.893   1.00 47.93  ? 50   MET A SD  1 
ATOM   58  C CE  . MET A 1 16 ? 1.885   -10.026 2.476   1.00 45.93  ? 50   MET A CE  1 
ATOM   59  N N   . GLU A 1 17 ? 0.587   -7.382  8.060   1.00 44.65  ? 51   GLU A N   1 
ATOM   60  C CA  . GLU A 1 17 ? -0.512  -6.522  8.570   1.00 47.79  ? 51   GLU A CA  1 
ATOM   61  C C   . GLU A 1 17 ? -0.012  -5.327  9.372   1.00 41.56  ? 51   GLU A C   1 
ATOM   62  O O   . GLU A 1 17 ? -0.534  -4.218  9.215   1.00 41.89  ? 51   GLU A O   1 
ATOM   63  C CB  . GLU A 1 17 ? -1.554  -7.348  9.331   1.00 53.06  ? 51   GLU A CB  1 
ATOM   64  C CG  . GLU A 1 17 ? -2.294  -8.283  8.370   1.00 63.01  ? 51   GLU A CG  1 
ATOM   65  C CD  . GLU A 1 17 ? -3.346  -9.174  9.009   1.00 66.58  ? 51   GLU A CD  1 
ATOM   66  O OE1 . GLU A 1 17 ? -3.153  -9.589  10.172  1.00 71.49  ? 51   GLU A OE1 1 
ATOM   67  O OE2 . GLU A 1 17 ? -4.356  -9.478  8.316   1.00 67.08  ? 51   GLU A OE2 1 
ATOM   68  N N   . ASN A 1 18 ? 1.036   -5.536  10.168  1.00 41.48  ? 52   ASN A N   1 
ATOM   69  C CA  . ASN A 1 18 ? 1.643   -4.454  10.940  1.00 46.15  ? 52   ASN A CA  1 
ATOM   70  C C   . ASN A 1 18 ? 2.252   -3.407  10.051  1.00 42.51  ? 52   ASN A C   1 
ATOM   71  O O   . ASN A 1 18 ? 2.128   -2.227  10.282  1.00 39.82  ? 52   ASN A O   1 
ATOM   72  C CB  . ASN A 1 18 ? 2.731   -4.990  11.864  1.00 48.10  ? 52   ASN A CB  1 
ATOM   73  C CG  . ASN A 1 18 ? 2.159   -5.671  13.088  1.00 58.96  ? 52   ASN A CG  1 
ATOM   74  O OD1 . ASN A 1 18 ? 1.100   -5.294  13.591  1.00 66.48  ? 52   ASN A OD1 1 
ATOM   75  N ND2 . ASN A 1 18 ? 2.850   -6.688  13.567  1.00 61.87  ? 52   ASN A ND2 1 
ATOM   76  N N   . PHE A 1 19 ? 2.935   -3.860  9.021   1.00 47.23  ? 53   PHE A N   1 
ATOM   77  C CA  . PHE A 1 19 ? 3.569   -2.947  8.114   1.00 41.37  ? 53   PHE A CA  1 
ATOM   78  C C   . PHE A 1 19 ? 2.534   -2.192  7.329   1.00 37.57  ? 53   PHE A C   1 
ATOM   79  O O   . PHE A 1 19 ? 2.678   -0.994  7.088   1.00 40.28  ? 53   PHE A O   1 
ATOM   80  C CB  . PHE A 1 19 ? 4.515   -3.681  7.163   1.00 42.85  ? 53   PHE A CB  1 
ATOM   81  C CG  . PHE A 1 19 ? 5.345   -2.755  6.357   1.00 42.95  ? 53   PHE A CG  1 
ATOM   82  C CD1 . PHE A 1 19 ? 6.374   -2.037  6.960   1.00 43.13  ? 53   PHE A CD1 1 
ATOM   83  C CD2 . PHE A 1 19 ? 5.066   -2.539  5.035   1.00 42.22  ? 53   PHE A CD2 1 
ATOM   84  C CE1 . PHE A 1 19 ? 7.119   -1.144  6.220   1.00 47.28  ? 53   PHE A CE1 1 
ATOM   85  C CE2 . PHE A 1 19 ? 5.812   -1.650  4.288   1.00 46.22  ? 53   PHE A CE2 1 
ATOM   86  C CZ  . PHE A 1 19 ? 6.840   -0.957  4.875   1.00 49.00  ? 53   PHE A CZ  1 
ATOM   87  N N   . MET A 1 20 ? 1.479   -2.885  6.921   1.00 39.57  ? 54   MET A N   1 
ATOM   88  C CA  . MET A 1 20 ? 0.402   -2.223  6.203   1.00 41.58  ? 54   MET A CA  1 
ATOM   89  C C   . MET A 1 20 ? -0.265  -1.132  7.048   1.00 43.82  ? 54   MET A C   1 
ATOM   90  O O   . MET A 1 20 ? -0.631  -0.063  6.535   1.00 41.73  ? 54   MET A O   1 
ATOM   91  C CB  . MET A 1 20 ? -0.636  -3.236  5.760   1.00 40.15  ? 54   MET A CB  1 
ATOM   92  C CG  . MET A 1 20 ? -1.665  -2.641  4.818   1.00 45.68  ? 54   MET A CG  1 
ATOM   93  S SD  . MET A 1 20 ? -0.988  -2.110  3.218   1.00 53.69  ? 54   MET A SD  1 
ATOM   94  C CE  . MET A 1 20 ? -0.827  -3.658  2.335   1.00 46.97  ? 54   MET A CE  1 
ATOM   95  N N   . GLU A 1 21 ? -0.418  -1.401  8.336   1.00 43.28  ? 55   GLU A N   1 
ATOM   96  C CA  . GLU A 1 21 ? -1.026  -0.432  9.253   1.00 49.69  ? 55   GLU A CA  1 
ATOM   97  C C   . GLU A 1 21 ? -0.069  0.737   9.383   1.00 46.29  ? 55   GLU A C   1 
ATOM   98  O O   . GLU A 1 21 ? -0.475  1.880   9.421   1.00 40.75  ? 55   GLU A O   1 
ATOM   99  C CB  . GLU A 1 21 ? -1.294  -1.095  10.604  1.00 51.64  ? 55   GLU A CB  1 
ATOM   100 C CG  . GLU A 1 21 ? -1.838  -0.194  11.710  1.00 67.93  ? 55   GLU A CG  1 
ATOM   101 C CD  . GLU A 1 21 ? -3.247  0.319   11.430  1.00 82.17  ? 55   GLU A CD  1 
ATOM   102 O OE1 . GLU A 1 21 ? -4.059  -0.410  10.793  1.00 88.05  ? 55   GLU A OE1 1 
ATOM   103 O OE2 . GLU A 1 21 ? -3.538  1.463   11.852  1.00 80.40  ? 55   GLU A OE2 1 
ATOM   104 N N   . ARG A 1 22 ? 1.226   0.447   9.413   1.00 41.83  ? 56   ARG A N   1 
ATOM   105 C CA  . ARG A 1 22 ? 2.212   1.516   9.440   1.00 39.90  ? 56   ARG A CA  1 
ATOM   106 C C   . ARG A 1 22 ? 2.108   2.442   8.218   1.00 40.61  ? 56   ARG A C   1 
ATOM   107 O O   . ARG A 1 22 ? 2.273   3.664   8.332   1.00 40.52  ? 56   ARG A O   1 
ATOM   108 C CB  . ARG A 1 22 ? 3.605   0.915   9.539   1.00 43.18  ? 56   ARG A CB  1 
ATOM   109 C CG  . ARG A 1 22 ? 4.711   1.947   9.439   1.00 40.93  ? 56   ARG A CG  1 
ATOM   110 C CD  . ARG A 1 22 ? 4.658   2.933   10.583  1.00 39.49  ? 56   ARG A CD  1 
ATOM   111 N NE  . ARG A 1 22 ? 5.760   3.889   10.498  1.00 36.40  ? 56   ARG A NE  1 
ATOM   112 C CZ  . ARG A 1 22 ? 5.812   4.913   9.652   1.00 37.03  ? 56   ARG A CZ  1 
ATOM   113 N NH1 . ARG A 1 22 ? 4.806   5.146   8.830   1.00 36.83  ? 56   ARG A NH1 1 
ATOM   114 N NH2 . ARG A 1 22 ? 6.883   5.719   9.624   1.00 35.42  ? 56   ARG A NH2 1 
ATOM   115 N N   . LEU A 1 23 ? 1.836   1.873   7.046   1.00 38.95  ? 57   LEU A N   1 
ATOM   116 C CA  . LEU A 1 23 ? 1.631   2.689   5.836   1.00 40.77  ? 57   LEU A CA  1 
ATOM   117 C C   . LEU A 1 23 ? 0.344   3.482   5.888   1.00 39.34  ? 57   LEU A C   1 
ATOM   118 O O   . LEU A 1 23 ? 0.289   4.632   5.433   1.00 33.83  ? 57   LEU A O   1 
ATOM   119 C CB  . LEU A 1 23 ? 1.620   1.839   4.574   1.00 38.55  ? 57   LEU A CB  1 
ATOM   120 C CG  . LEU A 1 23 ? 2.928   1.123   4.235   1.00 40.73  ? 57   LEU A CG  1 
ATOM   121 C CD1 . LEU A 1 23 ? 2.715   0.175   3.069   1.00 41.68  ? 57   LEU A CD1 1 
ATOM   122 C CD2 . LEU A 1 23 ? 4.011   2.144   3.913   1.00 37.96  ? 57   LEU A CD2 1 
ATOM   123 N N   . ARG A 1 24 ? -0.687  2.880   6.456   1.00 42.93  ? 58   ARG A N   1 
ATOM   124 C CA  . ARG A 1 24 ? -1.995  3.528   6.501   1.00 45.36  ? 58   ARG A CA  1 
ATOM   125 C C   . ARG A 1 24 ? -1.950  4.757   7.403   1.00 43.56  ? 58   ARG A C   1 
ATOM   126 O O   . ARG A 1 24 ? -2.633  5.731   7.148   1.00 41.77  ? 58   ARG A O   1 
ATOM   127 C CB  . ARG A 1 24 ? -3.089  2.562   6.958   1.00 47.67  ? 58   ARG A CB  1 
ATOM   128 C CG  . ARG A 1 24 ? -4.479  3.180   6.818   1.00 56.96  ? 58   ARG A CG  1 
ATOM   129 C CD  . ARG A 1 24 ? -5.592  2.307   7.367   1.00 53.01  ? 58   ARG A CD  1 
ATOM   130 N NE  . ARG A 1 24 ? -5.521  0.940   6.850   1.00 52.49  ? 58   ARG A NE  1 
ATOM   131 C CZ  . ARG A 1 24 ? -5.837  0.571   5.611   1.00 56.90  ? 58   ARG A CZ  1 
ATOM   132 N NH1 . ARG A 1 24 ? -6.243  1.453   4.704   1.00 56.36  ? 58   ARG A NH1 1 
ATOM   133 N NH2 . ARG A 1 24 ? -5.731  -0.705  5.266   1.00 64.16  ? 58   ARG A NH2 1 
ATOM   134 N N   . GLN A 1 25 ? -1.095  4.738   8.419   1.00 40.12  ? 59   GLN A N   1 
ATOM   135 C CA  . GLN A 1 25 ? -0.883  5.935   9.240   1.00 43.66  ? 59   GLN A CA  1 
ATOM   136 C C   . GLN A 1 25 ? -0.032  7.008   8.551   1.00 47.54  ? 59   GLN A C   1 
ATOM   137 O O   . GLN A 1 25 ? 0.058   8.107   9.069   1.00 36.65  ? 59   GLN A O   1 
ATOM   138 C CB  . GLN A 1 25 ? -0.183  5.553   10.544  1.00 52.52  ? 59   GLN A CB  1 
ATOM   139 C CG  . GLN A 1 25 ? -0.979  4.572   11.382  1.00 63.25  ? 59   GLN A CG  1 
ATOM   140 C CD  . GLN A 1 25 ? -0.154  3.920   12.473  1.00 75.84  ? 59   GLN A CD  1 
ATOM   141 O OE1 . GLN A 1 25 ? 1.058   4.111   12.555  1.00 75.02  ? 59   GLN A OE1 1 
ATOM   142 N NE2 . GLN A 1 25 ? -0.813  3.136   13.320  1.00 85.32  ? 59   GLN A NE2 1 
ATOM   143 N N   . ASP A 1 26 ? 0.598   6.710   7.404   1.00 37.69  ? 60   ASP A N   1 
ATOM   144 C CA  . ASP A 1 26 ? 1.594   7.631   6.835   1.00 40.25  ? 60   ASP A CA  1 
ATOM   145 C C   . ASP A 1 26 ? 1.375   7.733   5.335   1.00 45.01  ? 60   ASP A C   1 
ATOM   146 O O   . ASP A 1 26 ? 2.267   7.430   4.546   1.00 36.43  ? 60   ASP A O   1 
ATOM   147 C CB  . ASP A 1 26 ? 2.991   7.087   7.170   1.00 39.48  ? 60   ASP A CB  1 
ATOM   148 C CG  . ASP A 1 26 ? 4.118   8.107   6.999   1.00 43.97  ? 60   ASP A CG  1 
ATOM   149 O OD1 . ASP A 1 26 ? 3.923   9.196   6.432   1.00 39.94  ? 60   ASP A OD1 1 
ATOM   150 O OD2 . ASP A 1 26 ? 5.239   7.792   7.456   1.00 40.82  ? 60   ASP A OD2 1 
ATOM   151 N N   . PRO A 1 27 ? 0.180   8.177   4.920   1.00 46.07  ? 61   PRO A N   1 
ATOM   152 C CA  . PRO A 1 27 ? -0.079  8.145   3.479   1.00 48.69  ? 61   PRO A CA  1 
ATOM   153 C C   . PRO A 1 27 ? 0.896   8.992   2.665   1.00 41.18  ? 61   PRO A C   1 
ATOM   154 O O   . PRO A 1 27 ? 1.245   8.592   1.566   1.00 46.26  ? 61   PRO A O   1 
ATOM   155 C CB  . PRO A 1 27 ? -1.512  8.687   3.346   1.00 49.13  ? 61   PRO A CB  1 
ATOM   156 C CG  . PRO A 1 27 ? -2.061  8.724   4.752   1.00 54.73  ? 61   PRO A CG  1 
ATOM   157 C CD  . PRO A 1 27 ? -0.873  8.904   5.643   1.00 51.38  ? 61   PRO A CD  1 
ATOM   158 N N   . GLN A 1 28 ? 1.324   10.138  3.184   1.00 41.36  ? 62   GLN A N   1 
ATOM   159 C CA  . GLN A 1 28 ? 2.286   11.002  2.476   1.00 41.14  ? 62   GLN A CA  1 
ATOM   160 C C   . GLN A 1 28 ? 3.696   10.377  2.412   1.00 40.56  ? 62   GLN A C   1 
ATOM   161 O O   . GLN A 1 28 ? 4.507   10.803  1.613   1.00 43.61  ? 62   GLN A O   1 
ATOM   162 C CB  . GLN A 1 28 ? 2.398   12.380  3.148   1.00 44.47  ? 62   GLN A CB  1 
ATOM   163 C CG  . GLN A 1 28 ? 1.108   13.169  3.229   1.00 53.57  ? 62   GLN A CG  1 
ATOM   164 C CD  . GLN A 1 28 ? 0.409   13.307  1.889   1.00 58.55  ? 62   GLN A CD  1 
ATOM   165 O OE1 . GLN A 1 28 ? -0.582  12.625  1.627   1.00 76.48  ? 62   GLN A OE1 1 
ATOM   166 N NE2 . GLN A 1 28 ? 0.921   14.183  1.035   1.00 61.30  ? 62   GLN A NE2 1 
ATOM   167 N N   . GLY A 1 29 ? 3.990   9.417   3.300   1.00 39.24  ? 63   GLY A N   1 
ATOM   168 C CA  . GLY A 1 29 ? 5.255   8.695   3.279   1.00 39.51  ? 63   GLY A CA  1 
ATOM   169 C C   . GLY A 1 29 ? 5.290   7.469   2.365   1.00 40.16  ? 63   GLY A C   1 
ATOM   170 O O   . GLY A 1 29 ? 6.372   6.930   2.061   1.00 37.04  ? 63   GLY A O   1 
ATOM   171 N N   . ILE A 1 30 ? 4.131   7.043   1.894   1.00 36.03  ? 64   ILE A N   1 
ATOM   172 C CA  . ILE A 1 30 ? 4.018   5.787   1.120   1.00 40.48  ? 64   ILE A CA  1 
ATOM   173 C C   . ILE A 1 30 ? 4.970   5.667   -0.104  1.00 40.47  ? 64   ILE A C   1 
ATOM   174 O O   . ILE A 1 30 ? 5.532   4.600   -0.336  1.00 39.84  ? 64   ILE A O   1 
ATOM   175 C CB  . ILE A 1 30 ? 2.550   5.533   0.701   1.00 39.50  ? 64   ILE A CB  1 
ATOM   176 C CG1 . ILE A 1 30 ? 1.749   5.020   1.903   1.00 41.84  ? 64   ILE A CG1 1 
ATOM   177 C CG2 . ILE A 1 30 ? 2.442   4.522   -0.437  1.00 41.35  ? 64   ILE A CG2 1 
ATOM   178 C CD1 . ILE A 1 30 ? 0.273   4.809   1.620   1.00 44.25  ? 64   ILE A CD1 1 
ATOM   179 N N   . PRO A 1 31 ? 5.155   6.745   -0.882  1.00 43.01  ? 65   PRO A N   1 
ATOM   180 C CA  . PRO A 1 31 ? 6.072   6.660   -2.054  1.00 43.61  ? 65   PRO A CA  1 
ATOM   181 C C   . PRO A 1 31 ? 7.517   6.241   -1.696  1.00 42.94  ? 65   PRO A C   1 
ATOM   182 O O   . PRO A 1 31 ? 8.219   5.648   -2.521  1.00 41.77  ? 65   PRO A O   1 
ATOM   183 C CB  . PRO A 1 31 ? 6.054   8.081   -2.616  1.00 43.62  ? 65   PRO A CB  1 
ATOM   184 C CG  . PRO A 1 31 ? 4.753   8.656   -2.148  1.00 46.06  ? 65   PRO A CG  1 
ATOM   185 C CD  . PRO A 1 31 ? 4.453   8.040   -0.821  1.00 45.20  ? 65   PRO A CD  1 
ATOM   186 N N   . ALA A 1 32 ? 7.933   6.564   -0.479  1.00 38.14  ? 66   ALA A N   1 
ATOM   187 C CA  . ALA A 1 32 ? 9.254   6.214   0.065   1.00 42.25  ? 66   ALA A CA  1 
ATOM   188 C C   . ALA A 1 32 ? 9.258   4.894   0.855   1.00 38.63  ? 66   ALA A C   1 
ATOM   189 O O   . ALA A 1 32 ? 10.174  4.093   0.719   1.00 38.57  ? 66   ALA A O   1 
ATOM   190 C CB  . ALA A 1 32 ? 9.743   7.321   0.974   1.00 42.37  ? 66   ALA A CB  1 
ATOM   191 N N   . LEU A 1 33 ? 8.232   4.672   1.667   1.00 35.98  ? 67   LEU A N   1 
ATOM   192 C CA  . LEU A 1 33 ? 8.163   3.477   2.499   1.00 39.86  ? 67   LEU A CA  1 
ATOM   193 C C   . LEU A 1 33 ? 7.735   2.208   1.755   1.00 39.58  ? 67   LEU A C   1 
ATOM   194 O O   . LEU A 1 33 ? 7.985   1.114   2.247   1.00 37.30  ? 67   LEU A O   1 
ATOM   195 C CB  . LEU A 1 33 ? 7.163   3.699   3.650   1.00 40.95  ? 67   LEU A CB  1 
ATOM   196 C CG  . LEU A 1 33 ? 7.482   4.858   4.579   1.00 42.24  ? 67   LEU A CG  1 
ATOM   197 C CD1 . LEU A 1 33 ? 6.242   5.178   5.432   1.00 48.94  ? 67   LEU A CD1 1 
ATOM   198 C CD2 . LEU A 1 33 ? 8.682   4.480   5.438   1.00 45.96  ? 67   LEU A CD2 1 
ATOM   199 N N   . CYS A 1 34 ? 7.036   2.366   0.627   1.00 40.03  ? 68   CYS A N   1 
ATOM   200 C CA  . CYS A 1 34 ? 6.505   1.230   -0.117  1.00 40.26  ? 68   CYS A CA  1 
ATOM   201 C C   . CYS A 1 34 ? 7.066   1.372   -1.518  1.00 40.86  ? 68   CYS A C   1 
ATOM   202 O O   . CYS A 1 34 ? 6.444   1.944   -2.394  1.00 43.09  ? 68   CYS A O   1 
ATOM   203 C CB  . CYS A 1 34 ? 4.975   1.241   -0.134  1.00 38.13  ? 68   CYS A CB  1 
ATOM   204 S SG  . CYS A 1 34 ? 4.222   -0.143  -1.056  1.00 43.88  ? 68   CYS A SG  1 
ATOM   205 N N   . ASN A 1 35 ? 8.277   0.873   -1.701  1.00 42.95  ? 69   ASN A N   1 
ATOM   206 C CA  . ASN A 1 35 ? 9.085   1.216   -2.876  1.00 45.53  ? 69   ASN A CA  1 
ATOM   207 C C   . ASN A 1 35 ? 10.066  0.081   -3.236  1.00 46.74  ? 69   ASN A C   1 
ATOM   208 O O   . ASN A 1 35 ? 11.292  0.287   -3.320  1.00 38.86  ? 69   ASN A O   1 
ATOM   209 C CB  . ASN A 1 35 ? 9.861   2.509   -2.581  1.00 39.67  ? 69   ASN A CB  1 
ATOM   210 C CG  . ASN A 1 35 ? 10.538  3.083   -3.811  1.00 38.73  ? 69   ASN A CG  1 
ATOM   211 O OD1 . ASN A 1 35 ? 10.028  2.965   -4.906  1.00 37.18  ? 69   ASN A OD1 1 
ATOM   212 N ND2 . ASN A 1 35 ? 11.677  3.714   -3.624  1.00 35.41  ? 69   ASN A ND2 1 
ATOM   213 N N   . GLY A 1 36 ? 9.522   -1.120  -3.403  1.00 38.19  ? 70   GLY A N   1 
ATOM   214 C CA  . GLY A 1 36 ? 10.343  -2.293  -3.711  1.00 44.77  ? 70   GLY A CA  1 
ATOM   215 C C   . GLY A 1 36 ? 10.616  -3.240  -2.551  1.00 41.36  ? 70   GLY A C   1 
ATOM   216 O O   . GLY A 1 36 ? 9.781   -3.424  -1.665  1.00 49.27  ? 70   GLY A O   1 
ATOM   217 N N   . ALA A 1 37 ? 11.773  -3.879  -2.556  1.00 38.67  ? 71   ALA A N   1 
ATOM   218 C CA  . ALA A 1 37 ? 11.932  -5.082  -1.727  1.00 40.68  ? 71   ALA A CA  1 
ATOM   219 C C   . ALA A 1 37 ? 12.214  -4.774  -0.279  1.00 40.03  ? 71   ALA A C   1 
ATOM   220 O O   . ALA A 1 37 ? 12.854  -3.781  0.041   1.00 40.46  ? 71   ALA A O   1 
ATOM   221 C CB  . ALA A 1 37 ? 13.014  -6.007  -2.286  1.00 43.33  ? 71   ALA A CB  1 
ATOM   222 N N   . LEU A 1 38 ? 11.757  -5.659  0.594   1.00 42.00  ? 72   LEU A N   1 
ATOM   223 C CA  . LEU A 1 38 ? 12.003  -5.539  2.005   1.00 42.30  ? 72   LEU A CA  1 
ATOM   224 C C   . LEU A 1 38 ? 11.758  -6.892  2.630   1.00 40.95  ? 72   LEU A C   1 
ATOM   225 O O   . LEU A 1 38 ? 11.057  -7.720  2.066   1.00 44.50  ? 72   LEU A O   1 
ATOM   226 C CB  . LEU A 1 38 ? 11.080  -4.481  2.654   1.00 45.50  ? 72   LEU A CB  1 
ATOM   227 C CG  . LEU A 1 38 ? 9.630   -4.848  3.015   1.00 46.03  ? 72   LEU A CG  1 
ATOM   228 C CD1 . LEU A 1 38 ? 8.967   -3.667  3.700   1.00 47.02  ? 72   LEU A CD1 1 
ATOM   229 C CD2 . LEU A 1 38 ? 8.817   -5.244  1.792   1.00 48.13  ? 72   LEU A CD2 1 
ATOM   230 N N   . ALA A 1 39 ? 12.331  -7.069  3.814   1.00 39.12  ? 73   ALA A N   1 
ATOM   231 C CA  . ALA A 1 39 ? 12.121  -8.229  4.646   1.00 41.71  ? 73   ALA A CA  1 
ATOM   232 C C   . ALA A 1 39 ? 11.028  -8.009  5.686   1.00 43.38  ? 73   ALA A C   1 
ATOM   233 O O   . ALA A 1 39 ? 10.981  -6.968  6.333   1.00 43.03  ? 73   ALA A O   1 
ATOM   234 C CB  . ALA A 1 39 ? 13.408  -8.575  5.356   1.00 39.82  ? 73   ALA A CB  1 
ATOM   235 N N   . LEU A 1 40 ? 10.185  -9.026  5.843   1.00 44.36  ? 74   LEU A N   1 
ATOM   236 C CA  . LEU A 1 40 ? 9.123   -9.070  6.843   1.00 45.33  ? 74   LEU A CA  1 
ATOM   237 C C   . LEU A 1 40 ? 9.007   -10.493 7.386   1.00 51.30  ? 74   LEU A C   1 
ATOM   238 O O   . LEU A 1 40 ? 8.839   -11.451 6.620   1.00 45.88  ? 74   LEU A O   1 
ATOM   239 C CB  . LEU A 1 40 ? 7.788   -8.721  6.198   1.00 43.15  ? 74   LEU A CB  1 
ATOM   240 C CG  . LEU A 1 40 ? 7.594   -7.245  5.848   1.00 46.34  ? 74   LEU A CG  1 
ATOM   241 C CD1 . LEU A 1 40 ? 6.311   -7.050  5.043   1.00 45.73  ? 74   LEU A CD1 1 
ATOM   242 C CD2 . LEU A 1 40 ? 7.591   -6.419  7.132   1.00 46.82  ? 74   LEU A CD2 1 
ATOM   243 N N   . GLY A 1 41 ? 9.068   -10.622 8.706   1.00 50.44  ? 75   GLY A N   1 
ATOM   244 C CA  . GLY A 1 41 ? 8.977   -11.913 9.363   1.00 57.35  ? 75   GLY A CA  1 
ATOM   245 C C   . GLY A 1 41 ? 10.066  -12.874 8.921   1.00 58.67  ? 75   GLY A C   1 
ATOM   246 O O   . GLY A 1 41 ? 9.843   -14.076 8.833   1.00 58.91  ? 75   GLY A O   1 
ATOM   247 N N   . GLY A 1 42 ? 11.236  -12.339 8.608   1.00 58.96  ? 76   GLY A N   1 
ATOM   248 C CA  . GLY A 1 42 ? 12.365  -13.165 8.223   1.00 59.64  ? 76   GLY A CA  1 
ATOM   249 C C   . GLY A 1 42 ? 12.433  -13.552 6.755   1.00 56.83  ? 76   GLY A C   1 
ATOM   250 O O   . GLY A 1 42 ? 13.390  -14.197 6.347   1.00 57.24  ? 76   GLY A O   1 
ATOM   251 N N   . LYS A 1 43 ? 11.446  -13.152 5.956   1.00 53.03  ? 77   LYS A N   1 
ATOM   252 C CA  . LYS A 1 43 ? 11.419  -13.504 4.536   1.00 51.47  ? 77   LYS A CA  1 
ATOM   253 C C   . LYS A 1 43 ? 11.515  -12.277 3.633   1.00 55.26  ? 77   LYS A C   1 
ATOM   254 O O   . LYS A 1 43 ? 11.112  -11.177 4.015   1.00 54.01  ? 77   LYS A O   1 
ATOM   255 C CB  . LYS A 1 43 ? 10.135  -14.263 4.207   1.00 60.77  ? 77   LYS A CB  1 
ATOM   256 C CG  . LYS A 1 43 ? 9.874   -15.486 5.071   1.00 78.25  ? 77   LYS A CG  1 
ATOM   257 C CD  . LYS A 1 43 ? 11.030  -16.481 5.036   1.00 91.16  ? 77   LYS A CD  1 
ATOM   258 C CE  . LYS A 1 43 ? 10.665  -17.791 5.729   1.00 97.52  ? 77   LYS A CE  1 
ATOM   259 N NZ  . LYS A 1 43 ? 9.473   -18.433 5.106   1.00 97.93  ? 77   LYS A NZ  1 
ATOM   260 N N   . GLN A 1 44 ? 12.016  -12.477 2.416   1.00 51.70  ? 78   GLN A N   1 
ATOM   261 C CA  . GLN A 1 44 ? 12.075  -11.404 1.443   1.00 53.93  ? 78   GLN A CA  1 
ATOM   262 C C   . GLN A 1 44 ? 10.699  -11.182 0.826   1.00 53.25  ? 78   GLN A C   1 
ATOM   263 O O   . GLN A 1 44 ? 9.979   -12.128 0.509   1.00 52.39  ? 78   GLN A O   1 
ATOM   264 C CB  . GLN A 1 44 ? 13.103  -11.713 0.340   1.00 61.33  ? 78   GLN A CB  1 
ATOM   265 C CG  . GLN A 1 44 ? 13.895  -10.490 -0.119  1.00 69.94  ? 78   GLN A CG  1 
ATOM   266 C CD  . GLN A 1 44 ? 14.732  -9.933  1.022   1.00 81.79  ? 78   GLN A CD  1 
ATOM   267 O OE1 . GLN A 1 44 ? 15.175  -10.687 1.900   1.00 69.76  ? 78   GLN A OE1 1 
ATOM   268 N NE2 . GLN A 1 44 ? 14.928  -8.609  1.038   1.00 83.35  ? 78   GLN A NE2 1 
ATOM   269 N N   . GLY A 1 45 ? 10.324  -9.927  0.650   1.00 45.14  ? 79   GLY A N   1 
ATOM   270 C CA  . GLY A 1 45 ? 9.143   -9.644  -0.134  1.00 39.90  ? 79   GLY A CA  1 
ATOM   271 C C   . GLY A 1 45 ? 9.213   -8.288  -0.764  1.00 36.69  ? 79   GLY A C   1 
ATOM   272 O O   . GLY A 1 45 ? 10.266  -7.701  -0.876  1.00 41.56  ? 79   GLY A O   1 
ATOM   273 N N   . THR A 1 46 ? 8.067   -7.754  -1.134  1.00 39.85  ? 80   THR A N   1 
ATOM   274 C CA  . THR A 1 46 ? 8.052   -6.516  -1.863  1.00 42.83  ? 80   THR A CA  1 
ATOM   275 C C   . THR A 1 46 ? 6.781   -5.724  -1.560  1.00 42.86  ? 80   THR A C   1 
ATOM   276 O O   . THR A 1 46 ? 5.720   -6.299  -1.243  1.00 41.26  ? 80   THR A O   1 
ATOM   277 C CB  . THR A 1 46 ? 8.177   -6.795  -3.394  1.00 40.58  ? 80   THR A CB  1 
ATOM   278 O OG1 . THR A 1 46 ? 8.662   -5.629  -4.070  1.00 48.92  ? 80   THR A OG1 1 
ATOM   279 C CG2 . THR A 1 46 ? 6.904   -7.175  -3.987  1.00 35.08  ? 80   THR A CG2 1 
ATOM   280 N N   . CYS A 1 47 ? 6.903   -4.408  -1.678  1.00 43.79  ? 81   CYS A N   1 
ATOM   281 C CA  . CYS A 1 47 ? 5.793   -3.508  -1.514  1.00 41.17  ? 81   CYS A CA  1 
ATOM   282 C C   . CYS A 1 47 ? 5.712   -2.658  -2.751  1.00 37.41  ? 81   CYS A C   1 
ATOM   283 O O   . CYS A 1 47 ? 6.693   -2.033  -3.135  1.00 39.95  ? 81   CYS A O   1 
ATOM   284 C CB  . CYS A 1 47 ? 5.997   -2.590  -0.309  1.00 43.72  ? 81   CYS A CB  1 
ATOM   285 S SG  . CYS A 1 47 ? 4.469   -1.720  0.202   1.00 40.89  ? 81   CYS A SG  1 
ATOM   286 N N   . THR A 1 48 ? 4.530   -2.616  -3.340  1.00 35.84  ? 82   THR A N   1 
ATOM   287 C CA  . THR A 1 48 ? 4.243   -1.760  -4.474  1.00 39.37  ? 82   THR A CA  1 
ATOM   288 C C   . THR A 1 48 ? 2.996   -0.914  -4.164  1.00 40.60  ? 82   THR A C   1 
ATOM   289 O O   . THR A 1 48 ? 1.972   -1.442  -3.716  1.00 41.64  ? 82   THR A O   1 
ATOM   290 C CB  . THR A 1 48 ? 3.899   -2.601  -5.724  1.00 47.13  ? 82   THR A CB  1 
ATOM   291 O OG1 . THR A 1 48 ? 4.906   -3.578  -5.966  1.00 49.05  ? 82   THR A OG1 1 
ATOM   292 C CG2 . THR A 1 48 ? 3.746   -1.712  -6.927  1.00 49.66  ? 82   THR A CG2 1 
ATOM   293 N N   . ALA A 1 49 ? 3.103   0.382   -4.453  1.00 37.32  ? 83   ALA A N   1 
ATOM   294 C CA  . ALA A 1 49 ? 2.053   1.355   -4.273  1.00 43.95  ? 83   ALA A CA  1 
ATOM   295 C C   . ALA A 1 49 ? 1.692   2.001   -5.603  1.00 41.40  ? 83   ALA A C   1 
ATOM   296 O O   . ALA A 1 49 ? 2.478   2.729   -6.182  1.00 45.59  ? 83   ALA A O   1 
ATOM   297 C CB  . ALA A 1 49 ? 2.493   2.428   -3.282  1.00 42.03  ? 83   ALA A CB  1 
ATOM   298 N N   . ILE A 1 50 ? 0.471   1.771   -6.058  1.00 48.19  ? 84   ILE A N   1 
ATOM   299 C CA  . ILE A 1 50 ? -0.018  2.342   -7.304  1.00 45.73  ? 84   ILE A CA  1 
ATOM   300 C C   . ILE A 1 50 ? -0.873  3.576   -7.007  1.00 48.54  ? 84   ILE A C   1 
ATOM   301 O O   . ILE A 1 50 ? -1.900  3.473   -6.350  1.00 45.67  ? 84   ILE A O   1 
ATOM   302 C CB  . ILE A 1 50 ? -0.867  1.294   -8.052  1.00 50.63  ? 84   ILE A CB  1 
ATOM   303 C CG1 . ILE A 1 50 ? -0.012  0.074   -8.419  1.00 51.64  ? 84   ILE A CG1 1 
ATOM   304 C CG2 . ILE A 1 50 ? -1.534  1.883   -9.290  1.00 53.22  ? 84   ILE A CG2 1 
ATOM   305 C CD1 . ILE A 1 50 ? -0.149  -1.087  -7.456  1.00 59.19  ? 84   ILE A CD1 1 
ATOM   306 N N   . PRO A 1 51 ? -0.481  4.744   -7.527  1.00 50.16  ? 85   PRO A N   1 
ATOM   307 C CA  . PRO A 1 51 ? -1.359  5.908   -7.311  1.00 52.10  ? 85   PRO A CA  1 
ATOM   308 C C   . PRO A 1 51 ? -2.747  5.717   -7.945  1.00 53.76  ? 85   PRO A C   1 
ATOM   309 O O   . PRO A 1 51 ? -2.846  5.189   -9.061  1.00 54.20  ? 85   PRO A O   1 
ATOM   310 C CB  . PRO A 1 51 ? -0.608  7.045   -8.007  1.00 55.57  ? 85   PRO A CB  1 
ATOM   311 C CG  . PRO A 1 51 ? 0.180   6.368   -9.085  1.00 52.44  ? 85   PRO A CG  1 
ATOM   312 C CD  . PRO A 1 51 ? 0.584   5.029   -8.505  1.00 50.22  ? 85   PRO A CD  1 
ATOM   313 N N   . CYS A 1 52 ? -3.795  6.114   -7.221  1.00 50.77  ? 86   CYS A N   1 
ATOM   314 C CA  . CYS A 1 52 ? -5.182  5.989   -7.688  1.00 48.20  ? 86   CYS A CA  1 
ATOM   315 C C   . CYS A 1 52 ? -5.906  7.321   -7.616  1.00 49.41  ? 86   CYS A C   1 
ATOM   316 O O   . CYS A 1 52 ? -5.655  8.133   -6.714  1.00 44.46  ? 86   CYS A O   1 
ATOM   317 C CB  . CYS A 1 52 ? -5.982  5.000   -6.852  1.00 51.97  ? 86   CYS A CB  1 
ATOM   318 S SG  . CYS A 1 52 ? -5.313  3.334   -6.747  1.00 60.19  ? 86   CYS A SG  1 
ATOM   319 N N   . ASN A 1 53 ? -6.800  7.543   -8.574  1.00 47.82  ? 87   ASN A N   1 
ATOM   320 C CA  . ASN A 1 53 ? -7.744  8.626   -8.447  1.00 54.82  ? 87   ASN A CA  1 
ATOM   321 C C   . ASN A 1 53 ? -8.948  8.153   -7.654  1.00 49.92  ? 87   ASN A C   1 
ATOM   322 O O   . ASN A 1 53 ? -9.226  6.947   -7.547  1.00 48.65  ? 87   ASN A O   1 
ATOM   323 C CB  . ASN A 1 53 ? -8.217  9.117   -9.810  1.00 60.99  ? 87   ASN A CB  1 
ATOM   324 C CG  . ASN A 1 53 ? -8.567  10.595  -9.808  1.00 60.84  ? 87   ASN A CG  1 
ATOM   325 O OD1 . ASN A 1 53 ? -8.710  11.240  -8.753  1.00 54.84  ? 87   ASN A OD1 1 
ATOM   326 N ND2 . ASN A 1 53 ? -8.686  11.149  -10.998 1.00 63.65  ? 87   ASN A ND2 1 
ATOM   327 N N   . VAL A 1 54 ? -9.672  9.120   -7.111  1.00 52.11  ? 88   VAL A N   1 
ATOM   328 C CA  . VAL A 1 54 ? -10.930 8.848   -6.400  1.00 52.55  ? 88   VAL A CA  1 
ATOM   329 C C   . VAL A 1 54 ? -12.012 9.749   -6.945  1.00 47.90  ? 88   VAL A C   1 
ATOM   330 O O   . VAL A 1 54 ? -11.896 10.962  -6.836  1.00 50.34  ? 88   VAL A O   1 
ATOM   331 C CB  . VAL A 1 54 ? -10.773 9.117   -4.890  1.00 48.93  ? 88   VAL A CB  1 
ATOM   332 C CG1 . VAL A 1 54 ? -12.125 9.075   -4.189  1.00 56.89  ? 88   VAL A CG1 1 
ATOM   333 C CG2 . VAL A 1 54 ? -9.813  8.100   -4.281  1.00 44.59  ? 88   VAL A CG2 1 
ATOM   334 N N   . ALA A 1 55 ? -13.058 9.175   -7.535  1.00 50.68  ? 89   ALA A N   1 
ATOM   335 C CA  . ALA A 1 55 ? -14.128 10.011  -8.111  1.00 56.69  ? 89   ALA A CA  1 
ATOM   336 C C   . ALA A 1 55 ? -14.929 10.722  -7.014  1.00 55.39  ? 89   ALA A C   1 
ATOM   337 O O   . ALA A 1 55 ? -14.825 10.386  -5.835  1.00 57.46  ? 89   ALA A O   1 
ATOM   338 C CB  . ALA A 1 55 ? -15.055 9.190   -8.997  1.00 55.74  ? 89   ALA A CB  1 
ATOM   339 N N   . GLN A 1 56 ? -15.734 11.703  -7.406  1.00 66.41  ? 90   GLN A N   1 
ATOM   340 C CA  . GLN A 1 56 ? -16.620 12.386  -6.460  1.00 72.64  ? 90   GLN A CA  1 
ATOM   341 C C   . GLN A 1 56 ? -17.557 11.420  -5.740  1.00 60.03  ? 90   GLN A C   1 
ATOM   342 O O   . GLN A 1 56 ? -17.943 11.670  -4.604  1.00 61.16  ? 90   GLN A O   1 
ATOM   343 C CB  . GLN A 1 56 ? -17.425 13.485  -7.154  1.00 79.80  ? 90   GLN A CB  1 
ATOM   344 C CG  . GLN A 1 56 ? -16.628 14.772  -7.315  1.00 89.85  ? 90   GLN A CG  1 
ATOM   345 C CD  . GLN A 1 56 ? -17.450 15.897  -7.909  1.00 92.74  ? 90   GLN A CD  1 
ATOM   346 O OE1 . GLN A 1 56 ? -18.571 15.683  -8.375  1.00 83.02  ? 90   GLN A OE1 1 
ATOM   347 N NE2 . GLN A 1 56 ? -16.900 17.108  -7.886  1.00 93.18  ? 90   GLN A NE2 1 
ATOM   348 N N   . ASP A 1 57 ? -17.890 10.309  -6.390  1.00 52.47  ? 91   ASP A N   1 
ATOM   349 C CA  . ASP A 1 57 ? -18.713 9.273   -5.773  1.00 58.77  ? 91   ASP A CA  1 
ATOM   350 C C   . ASP A 1 57 ? -17.919 8.218   -4.984  1.00 60.00  ? 91   ASP A C   1 
ATOM   351 O O   . ASP A 1 57 ? -18.498 7.281   -4.405  1.00 50.90  ? 91   ASP A O   1 
ATOM   352 C CB  . ASP A 1 57 ? -19.605 8.611   -6.828  1.00 64.04  ? 91   ASP A CB  1 
ATOM   353 C CG  . ASP A 1 57 ? -18.898 7.530   -7.619  1.00 72.37  ? 91   ASP A CG  1 
ATOM   354 O OD1 . ASP A 1 57 ? -17.763 7.738   -8.101  1.00 77.31  ? 91   ASP A OD1 1 
ATOM   355 O OD2 . ASP A 1 57 ? -19.508 6.454   -7.777  1.00 90.79  ? 91   ASP A OD2 1 
ATOM   356 N N   . GLY A 1 58 ? -16.595 8.364   -4.966  1.00 55.91  ? 92   GLY A N   1 
ATOM   357 C CA  . GLY A 1 58 ? -15.744 7.471   -4.192  1.00 56.03  ? 92   GLY A CA  1 
ATOM   358 C C   . GLY A 1 58 ? -15.147 6.361   -5.031  1.00 51.74  ? 92   GLY A C   1 
ATOM   359 O O   . GLY A 1 58 ? -14.359 5.549   -4.536  1.00 55.53  ? 92   GLY A O   1 
ATOM   360 N N   . GLY A 1 59 ? -15.507 6.314   -6.307  1.00 52.89  ? 93   GLY A N   1 
ATOM   361 C CA  . GLY A 1 59 ? -14.996 5.260   -7.197  1.00 51.72  ? 93   GLY A CA  1 
ATOM   362 C C   . GLY A 1 59 ? -13.498 5.425   -7.429  1.00 49.11  ? 93   GLY A C   1 
ATOM   363 O O   . GLY A 1 59 ? -13.006 6.554   -7.557  1.00 53.53  ? 93   GLY A O   1 
ATOM   364 N N   . LEU A 1 60 ? -12.795 4.298   -7.501  1.00 52.82  ? 94   LEU A N   1 
ATOM   365 C CA  . LEU A 1 60 ? -11.334 4.258   -7.617  1.00 60.47  ? 94   LEU A CA  1 
ATOM   366 C C   . LEU A 1 60 ? -10.839 3.939   -9.031  1.00 62.72  ? 94   LEU A C   1 
ATOM   367 O O   . LEU A 1 60 ? -11.300 2.989   -9.665  1.00 63.09  ? 94   LEU A O   1 
ATOM   368 C CB  . LEU A 1 60 ? -10.772 3.197   -6.665  1.00 57.99  ? 94   LEU A CB  1 
ATOM   369 C CG  . LEU A 1 60 ? -10.883 3.514   -5.175  1.00 65.15  ? 94   LEU A CG  1 
ATOM   370 C CD1 . LEU A 1 60 ? -10.731 2.245   -4.342  1.00 63.74  ? 94   LEU A CD1 1 
ATOM   371 C CD2 . LEU A 1 60 ? -9.839  4.547   -4.794  1.00 65.81  ? 94   LEU A CD2 1 
ATOM   372 N N   . ALA A 1 61 ? -9.881  4.726   -9.506  1.00 59.25  ? 95   ALA A N   1 
ATOM   373 C CA  . ALA A 1 61 ? -9.232  4.458   -10.784 1.00 60.13  ? 95   ALA A CA  1 
ATOM   374 C C   . ALA A 1 61 ? -7.737  4.214   -10.530 1.00 58.42  ? 95   ALA A C   1 
ATOM   375 O O   . ALA A 1 61 ? -7.013  5.135   -10.158 1.00 52.65  ? 95   ALA A O   1 
ATOM   376 C CB  . ALA A 1 61 ? -9.437  5.636   -11.728 1.00 58.67  ? 95   ALA A CB  1 
ATOM   377 N N   . CYS A 1 62 ? -7.293  2.966   -10.680 1.00 60.42  ? 96   CYS A N   1 
ATOM   378 C CA  . CYS A 1 62 ? -5.884  2.604   -10.458 1.00 62.48  ? 96   CYS A CA  1 
ATOM   379 C C   . CYS A 1 62 ? -5.300  1.937   -11.716 1.00 58.65  ? 96   CYS A C   1 
ATOM   380 O O   . CYS A 1 62 ? -5.840  0.929   -12.179 1.00 54.62  ? 96   CYS A O   1 
ATOM   381 C CB  . CYS A 1 62 ? -5.754  1.658   -9.255  1.00 65.34  ? 96   CYS A CB  1 
ATOM   382 S SG  . CYS A 1 62 ? -6.662  2.185   -7.758  1.00 73.76  ? 96   CYS A SG  1 
ATOM   383 N N   . PRO A 1 63 ? -4.217  2.501   -12.281 1.00 53.22  ? 97   PRO A N   1 
ATOM   384 C CA  . PRO A 1 63 ? -3.565  3.739   -11.886 1.00 57.58  ? 97   PRO A CA  1 
ATOM   385 C C   . PRO A 1 63 ? -4.397  4.958   -12.251 1.00 61.55  ? 97   PRO A C   1 
ATOM   386 O O   . PRO A 1 63 ? -5.386  4.844   -12.969 1.00 62.13  ? 97   PRO A O   1 
ATOM   387 C CB  . PRO A 1 63 ? -2.249  3.741   -12.695 1.00 63.86  ? 97   PRO A CB  1 
ATOM   388 C CG  . PRO A 1 63 ? -2.081  2.349   -13.207 1.00 68.52  ? 97   PRO A CG  1 
ATOM   389 C CD  . PRO A 1 63 ? -3.483  1.831   -13.372 1.00 66.87  ? 97   PRO A CD  1 
ATOM   390 N N   . THR A 1 64 ? -4.002  6.114   -11.745 1.00 58.94  ? 98   THR A N   1 
ATOM   391 C CA  . THR A 1 64 ? -4.736  7.328   -12.011 1.00 61.96  ? 98   THR A CA  1 
ATOM   392 C C   . THR A 1 64 ? -4.306  7.910   -13.332 1.00 71.55  ? 98   THR A C   1 
ATOM   393 O O   . THR A 1 64 ? -3.139  7.816   -13.702 1.00 71.59  ? 98   THR A O   1 
ATOM   394 C CB  . THR A 1 64 ? -4.512  8.400   -10.939 1.00 56.44  ? 98   THR A CB  1 
ATOM   395 O OG1 . THR A 1 64 ? -5.322  9.536   -11.253 1.00 59.38  ? 98   THR A OG1 1 
ATOM   396 C CG2 . THR A 1 64 ? -3.016  8.841   -10.859 1.00 56.57  ? 98   THR A CG2 1 
ATOM   397 N N   . ALA A 1 65 ? -5.259  8.524   -14.027 1.00 82.29  ? 99   ALA A N   1 
ATOM   398 C CA  . ALA A 1 65 ? -4.956  9.363   -15.173 1.00 86.62  ? 99   ALA A CA  1 
ATOM   399 C C   . ALA A 1 65 ? -4.715  10.818  -14.735 1.00 92.83  ? 99   ALA A C   1 
ATOM   400 O O   . ALA A 1 65 ? -4.330  11.651  -15.554 1.00 100.89 ? 99   ALA A O   1 
ATOM   401 C CB  . ALA A 1 65 ? -6.091  9.296   -16.179 1.00 87.11  ? 99   ALA A CB  1 
ATOM   402 N N   . GLY A 1 66 ? -4.941  11.126  -13.456 1.00 83.64  ? 100  GLY A N   1 
ATOM   403 C CA  . GLY A 1 66 ? -4.809  12.498  -12.969 1.00 77.23  ? 100  GLY A CA  1 
ATOM   404 C C   . GLY A 1 66 ? -4.363  12.569  -11.523 1.00 76.65  ? 100  GLY A C   1 
ATOM   405 O O   . GLY A 1 66 ? -3.280  12.089  -11.190 1.00 66.11  ? 100  GLY A O   1 
ATOM   406 N N   . ASP A 1 67 ? -5.203  13.156  -10.664 1.00 71.30  ? 101  ASP A N   1 
ATOM   407 C CA  . ASP A 1 67 ? -4.851  13.377  -9.263  1.00 70.68  ? 101  ASP A CA  1 
ATOM   408 C C   . ASP A 1 67 ? -4.606  12.067  -8.546  1.00 64.66  ? 101  ASP A C   1 
ATOM   409 O O   . ASP A 1 67 ? -5.219  11.043  -8.856  1.00 67.81  ? 101  ASP A O   1 
ATOM   410 C CB  . ASP A 1 67 ? -5.951  14.118  -8.511  1.00 72.98  ? 101  ASP A CB  1 
ATOM   411 C CG  . ASP A 1 67 ? -6.335  15.407  -9.174  1.00 84.13  ? 101  ASP A CG  1 
ATOM   412 O OD1 . ASP A 1 67 ? -5.447  16.275  -9.340  1.00 89.73  ? 101  ASP A OD1 1 
ATOM   413 O OD2 . ASP A 1 67 ? -7.527  15.547  -9.527  1.00 89.25  ? 101  ASP A OD2 1 
ATOM   414 N N   . VAL A 1 68 ? -3.699  12.117  -7.582  1.00 58.43  ? 102  VAL A N   1 
ATOM   415 C CA  . VAL A 1 68 ? -3.433  10.986  -6.740  1.00 55.48  ? 102  VAL A CA  1 
ATOM   416 C C   . VAL A 1 68 ? -4.207  11.252  -5.458  1.00 55.50  ? 102  VAL A C   1 
ATOM   417 O O   . VAL A 1 68 ? -3.859  12.143  -4.698  1.00 54.33  ? 102  VAL A O   1 
ATOM   418 C CB  . VAL A 1 68 ? -1.922  10.828  -6.493  1.00 55.69  ? 102  VAL A CB  1 
ATOM   419 C CG1 . VAL A 1 68 ? -1.644  9.680   -5.542  1.00 51.11  ? 102  VAL A CG1 1 
ATOM   420 C CG2 . VAL A 1 68 ? -1.197  10.597  -7.813  1.00 60.36  ? 102  VAL A CG2 1 
ATOM   421 N N   . ARG A 1 69 ? -5.298  10.521  -5.254  1.00 51.77  ? 103  ARG A N   1 
ATOM   422 C CA  . ARG A 1 69 ? -6.096  10.696  -4.048  1.00 54.62  ? 103  ARG A CA  1 
ATOM   423 C C   . ARG A 1 69 ? -6.019  9.488   -3.121  1.00 51.39  ? 103  ARG A C   1 
ATOM   424 O O   . ARG A 1 69 ? -6.520  9.546   -2.006  1.00 44.19  ? 103  ARG A O   1 
ATOM   425 C CB  . ARG A 1 69 ? -7.553  11.032  -4.389  1.00 56.18  ? 103  ARG A CB  1 
ATOM   426 C CG  . ARG A 1 69 ? -7.713  12.345  -5.162  1.00 68.07  ? 103  ARG A CG  1 
ATOM   427 C CD  . ARG A 1 69 ? -8.718  13.299  -4.518  1.00 77.04  ? 103  ARG A CD  1 
ATOM   428 N NE  . ARG A 1 69 ? -10.061 12.721  -4.417  1.00 87.66  ? 103  ARG A NE  1 
ATOM   429 C CZ  . ARG A 1 69 ? -11.139 13.349  -3.943  1.00 90.96  ? 103  ARG A CZ  1 
ATOM   430 N NH1 . ARG A 1 69 ? -11.070 14.604  -3.513  1.00 91.03  ? 103  ARG A NH1 1 
ATOM   431 N NH2 . ARG A 1 69 ? -12.305 12.715  -3.905  1.00 98.67  ? 103  ARG A NH2 1 
ATOM   432 N N   . ALA A 1 70 ? -5.386  8.410   -3.580  1.00 44.87  ? 104  ALA A N   1 
ATOM   433 C CA  . ALA A 1 70 ? -5.234  7.216   -2.776  1.00 45.66  ? 104  ALA A CA  1 
ATOM   434 C C   . ALA A 1 70 ? -4.172  6.350   -3.411  1.00 43.81  ? 104  ALA A C   1 
ATOM   435 O O   . ALA A 1 70 ? -3.795  6.588   -4.554  1.00 44.79  ? 104  ALA A O   1 
ATOM   436 C CB  . ALA A 1 70 ? -6.548  6.460   -2.702  1.00 39.71  ? 104  ALA A CB  1 
ATOM   437 N N   . PHE A 1 71 ? -3.695  5.352   -2.667  1.00 42.09  ? 105  PHE A N   1 
ATOM   438 C CA  . PHE A 1 71 ? -2.760  4.361   -3.212  1.00 47.11  ? 105  PHE A CA  1 
ATOM   439 C C   . PHE A 1 71 ? -3.341  2.980   -3.023  1.00 46.31  ? 105  PHE A C   1 
ATOM   440 O O   . PHE A 1 71 ? -3.820  2.652   -1.944  1.00 41.50  ? 105  PHE A O   1 
ATOM   441 C CB  . PHE A 1 71 ? -1.412  4.377   -2.487  1.00 43.54  ? 105  PHE A CB  1 
ATOM   442 C CG  . PHE A 1 71 ? -0.607  5.607   -2.722  1.00 48.58  ? 105  PHE A CG  1 
ATOM   443 C CD1 . PHE A 1 71 ? 0.148   5.740   -3.895  1.00 45.57  ? 105  PHE A CD1 1 
ATOM   444 C CD2 . PHE A 1 71 ? -0.573  6.627   -1.779  1.00 46.04  ? 105  PHE A CD2 1 
ATOM   445 C CE1 . PHE A 1 71 ? 0.892   6.870   -4.124  1.00 46.57  ? 105  PHE A CE1 1 
ATOM   446 C CE2 . PHE A 1 71 ? 0.200   7.752   -2.003  1.00 41.53  ? 105  PHE A CE2 1 
ATOM   447 C CZ  . PHE A 1 71 ? 0.911   7.881   -3.183  1.00 47.04  ? 105  PHE A CZ  1 
ATOM   448 N N   . GLN A 1 72 ? -3.254  2.170   -4.075  1.00 42.96  ? 106  GLN A N   1 
ATOM   449 C CA  . GLN A 1 72 ? -3.466  0.728   -3.980  1.00 45.06  ? 106  GLN A CA  1 
ATOM   450 C C   . GLN A 1 72 ? -2.125  0.079   -3.601  1.00 43.85  ? 106  GLN A C   1 
ATOM   451 O O   . GLN A 1 72 ? -1.129  0.151   -4.336  1.00 52.48  ? 106  GLN A O   1 
ATOM   452 C CB  . GLN A 1 72 ? -3.994  0.198   -5.316  1.00 44.28  ? 106  GLN A CB  1 
ATOM   453 C CG  . GLN A 1 72 ? -4.156  -1.302  -5.393  1.00 50.73  ? 106  GLN A CG  1 
ATOM   454 C CD  . GLN A 1 72 ? -4.212  -1.811  -6.847  1.00 63.97  ? 106  GLN A CD  1 
ATOM   455 O OE1 . GLN A 1 72 ? -4.271  -1.035  -7.816  1.00 61.72  ? 106  GLN A OE1 1 
ATOM   456 N NE2 . GLN A 1 72 ? -4.188  -3.122  -6.997  1.00 70.75  ? 106  GLN A NE2 1 
ATOM   457 N N   . VAL A 1 73 ? -2.092  -0.521  -2.425  1.00 47.58  ? 107  VAL A N   1 
ATOM   458 C CA  . VAL A 1 73 ? -0.861  -1.038  -1.871  1.00 44.43  ? 107  VAL A CA  1 
ATOM   459 C C   . VAL A 1 73 ? -0.937  -2.548  -1.918  1.00 44.49  ? 107  VAL A C   1 
ATOM   460 O O   . VAL A 1 73 ? -1.910  -3.131  -1.437  1.00 38.94  ? 107  VAL A O   1 
ATOM   461 C CB  . VAL A 1 73 ? -0.691  -0.561  -0.415  1.00 48.37  ? 107  VAL A CB  1 
ATOM   462 C CG1 . VAL A 1 73 ? 0.620   -1.057  0.171   1.00 43.69  ? 107  VAL A CG1 1 
ATOM   463 C CG2 . VAL A 1 73 ? -0.758  0.954   -0.334  1.00 46.39  ? 107  VAL A CG2 1 
ATOM   464 N N   . VAL A 1 74 ? 0.071   -3.169  -2.545  1.00 50.01  ? 108  VAL A N   1 
ATOM   465 C CA  . VAL A 1 74 ? 0.193   -4.620  -2.590  1.00 43.05  ? 108  VAL A CA  1 
ATOM   466 C C   . VAL A 1 74 ? 1.502   -5.043  -1.905  1.00 46.78  ? 108  VAL A C   1 
ATOM   467 O O   . VAL A 1 74 ? 2.600   -4.730  -2.359  1.00 41.34  ? 108  VAL A O   1 
ATOM   468 C CB  . VAL A 1 74 ? 0.153   -5.146  -4.031  1.00 52.66  ? 108  VAL A CB  1 
ATOM   469 C CG1 . VAL A 1 74 ? 0.165   -6.667  -4.050  1.00 50.52  ? 108  VAL A CG1 1 
ATOM   470 C CG2 . VAL A 1 74 ? -1.075  -4.621  -4.752  1.00 55.42  ? 108  VAL A CG2 1 
ATOM   471 N N   . LEU A 1 75 ? 1.362   -5.735  -0.788  1.00 41.74  ? 109  LEU A N   1 
ATOM   472 C CA  . LEU A 1 75 ? 2.479   -6.303  -0.059  1.00 47.84  ? 109  LEU A CA  1 
ATOM   473 C C   . LEU A 1 75 ? 2.527   -7.797  -0.394  1.00 49.33  ? 109  LEU A C   1 
ATOM   474 O O   . LEU A 1 75 ? 1.494   -8.483  -0.312  1.00 49.10  ? 109  LEU A O   1 
ATOM   475 C CB  . LEU A 1 75 ? 2.229   -6.109  1.444   1.00 47.72  ? 109  LEU A CB  1 
ATOM   476 C CG  . LEU A 1 75 ? 3.347   -5.773  2.411   1.00 54.81  ? 109  LEU A CG  1 
ATOM   477 C CD1 . LEU A 1 75 ? 4.324   -4.761  1.826   1.00 53.32  ? 109  LEU A CD1 1 
ATOM   478 C CD2 . LEU A 1 75 ? 2.714   -5.229  3.695   1.00 50.31  ? 109  LEU A CD2 1 
ATOM   479 N N   . ARG A 1 76 ? 3.708   -8.285  -0.782  1.00 48.61  ? 110  ARG A N   1 
ATOM   480 C CA  . ARG A 1 76 ? 3.912   -9.691  -1.171  1.00 52.21  ? 110  ARG A CA  1 
ATOM   481 C C   . ARG A 1 76 ? 5.139   -10.245 -0.488  1.00 53.64  ? 110  ARG A C   1 
ATOM   482 O O   . ARG A 1 76 ? 6.227   -9.687  -0.595  1.00 59.84  ? 110  ARG A O   1 
ATOM   483 C CB  . ARG A 1 76 ? 4.108   -9.841  -2.682  1.00 51.36  ? 110  ARG A CB  1 
ATOM   484 C CG  . ARG A 1 76 ? 2.835   -9.668  -3.487  1.00 62.59  ? 110  ARG A CG  1 
ATOM   485 C CD  . ARG A 1 76 ? 3.009   -10.015 -4.966  1.00 65.76  ? 110  ARG A CD  1 
ATOM   486 N NE  . ARG A 1 76 ? 1.766   -10.501 -5.590  1.00 66.95  ? 110  ARG A NE  1 
ATOM   487 C CZ  . ARG A 1 76 ? 1.033   -9.821  -6.474  1.00 73.20  ? 110  ARG A CZ  1 
ATOM   488 N NH1 . ARG A 1 76 ? 1.400   -8.590  -6.873  1.00 82.80  ? 110  ARG A NH1 1 
ATOM   489 N NH2 . ARG A 1 76 ? -0.069  -10.380 -6.981  1.00 66.02  ? 110  ARG A NH2 1 
ATOM   490 N N   . VAL A 1 77 ? 4.954   -11.346 0.224   1.00 54.97  ? 111  VAL A N   1 
ATOM   491 C CA  . VAL A 1 77 ? 6.045   -12.046 0.875   1.00 57.74  ? 111  VAL A CA  1 
ATOM   492 C C   . VAL A 1 77 ? 5.869   -13.512 0.486   1.00 56.43  ? 111  VAL A C   1 
ATOM   493 O O   . VAL A 1 77 ? 4.910   -14.166 0.903   1.00 52.45  ? 111  VAL A O   1 
ATOM   494 C CB  . VAL A 1 77 ? 6.007   -11.851 2.404   1.00 57.83  ? 111  VAL A CB  1 
ATOM   495 C CG1 . VAL A 1 77 ? 7.176   -12.562 3.059   1.00 56.59  ? 111  VAL A CG1 1 
ATOM   496 C CG2 . VAL A 1 77 ? 6.031   -10.367 2.746   1.00 61.43  ? 111  VAL A CG2 1 
ATOM   497 N N   . GLU A 1 78 ? 6.769   -13.995 -0.371  1.00 63.67  ? 112  GLU A N   1 
ATOM   498 C CA  . GLU A 1 78 ? 6.658   -15.332 -0.951  1.00 55.75  ? 112  GLU A CA  1 
ATOM   499 C C   . GLU A 1 78 ? 5.307   -15.489 -1.629  1.00 46.97  ? 112  GLU A C   1 
ATOM   500 O O   . GLU A 1 78 ? 4.919   -14.638 -2.423  1.00 55.83  ? 112  GLU A O   1 
ATOM   501 C CB  . GLU A 1 78 ? 6.931   -16.410 0.101   1.00 57.98  ? 112  GLU A CB  1 
ATOM   502 C CG  . GLU A 1 78 ? 8.293   -16.222 0.769   1.00 74.08  ? 112  GLU A CG  1 
ATOM   503 C CD  . GLU A 1 78 ? 8.823   -17.473 1.457   1.00 83.24  ? 112  GLU A CD  1 
ATOM   504 O OE1 . GLU A 1 78 ? 8.104   -18.497 1.499   1.00 91.39  ? 112  GLU A OE1 1 
ATOM   505 O OE2 . GLU A 1 78 ? 9.970   -17.429 1.956   1.00 86.26  ? 112  GLU A OE2 1 
ATOM   506 N N   . GLU A 1 79 ? 4.577   -16.553 -1.337  1.00 47.27  ? 113  GLU A N   1 
ATOM   507 C CA  . GLU A 1 79 ? 3.251   -16.702 -1.926  1.00 55.62  ? 113  GLU A CA  1 
ATOM   508 C C   . GLU A 1 79 ? 2.163   -15.900 -1.181  1.00 58.65  ? 113  GLU A C   1 
ATOM   509 O O   . GLU A 1 79 ? 1.028   -15.835 -1.649  1.00 61.83  ? 113  GLU A O   1 
ATOM   510 C CB  . GLU A 1 79 ? 2.855   -18.181 -1.985  1.00 67.66  ? 113  GLU A CB  1 
ATOM   511 C CG  . GLU A 1 79 ? 2.018   -18.690 -0.809  1.00 76.48  ? 113  GLU A CG  1 
ATOM   512 C CD  . GLU A 1 79 ? 2.823   -18.948 0.460   1.00 88.87  ? 113  GLU A CD  1 
ATOM   513 O OE1 . GLU A 1 79 ? 3.859   -18.266 0.683   1.00 88.90  ? 113  GLU A OE1 1 
ATOM   514 O OE2 . GLU A 1 79 ? 2.408   -19.842 1.239   1.00 89.17  ? 113  GLU A OE2 1 
ATOM   515 N N   . LYS A 1 80 ? 2.486   -15.309 -0.027  1.00 54.06  ? 114  LYS A N   1 
ATOM   516 C CA  . LYS A 1 80 ? 1.463   -14.575 0.743   1.00 58.69  ? 114  LYS A CA  1 
ATOM   517 C C   . LYS A 1 80 ? 1.236   -13.199 0.140   1.00 54.02  ? 114  LYS A C   1 
ATOM   518 O O   . LYS A 1 80 ? 2.151   -12.522 -0.327  1.00 56.05  ? 114  LYS A O   1 
ATOM   519 C CB  . LYS A 1 80 ? 1.851   -14.440 2.223   1.00 59.45  ? 114  LYS A CB  1 
ATOM   520 C CG  . LYS A 1 80 ? 1.903   -15.763 2.968   1.00 67.08  ? 114  LYS A CG  1 
ATOM   521 C CD  . LYS A 1 80 ? 0.514   -16.362 3.146   1.00 73.03  ? 114  LYS A CD  1 
ATOM   522 C CE  . LYS A 1 80 ? 0.555   -17.595 4.044   1.00 85.69  ? 114  LYS A CE  1 
ATOM   523 N NZ  . LYS A 1 80 ? -0.765  -18.276 4.153   1.00 83.89  ? 114  LYS A NZ  1 
ATOM   524 N N   . ARG A 1 81 ? 0.003   -12.755 0.163   1.00 57.10  ? 115  ARG A N   1 
ATOM   525 C CA  . ARG A 1 81 ? -0.250  -11.463 -0.388  1.00 54.54  ? 115  ARG A CA  1 
ATOM   526 C C   . ARG A 1 81 ? -1.344  -10.699 0.329   1.00 54.01  ? 115  ARG A C   1 
ATOM   527 O O   . ARG A 1 81 ? -2.310  -11.285 0.813   1.00 57.99  ? 115  ARG A O   1 
ATOM   528 C CB  . ARG A 1 81 ? -0.545  -11.670 -1.843  1.00 59.37  ? 115  ARG A CB  1 
ATOM   529 C CG  . ARG A 1 81 ? -1.292  -10.566 -2.514  1.00 65.49  ? 115  ARG A CG  1 
ATOM   530 C CD  . ARG A 1 81 ? -1.911  -11.146 -3.769  1.00 71.76  ? 115  ARG A CD  1 
ATOM   531 N NE  . ARG A 1 81 ? -2.349  -10.073 -4.630  1.00 70.49  ? 115  ARG A NE  1 
ATOM   532 C CZ  . ARG A 1 81 ? -3.416  -9.323  -4.387  1.00 90.04  ? 115  ARG A CZ  1 
ATOM   533 N NH1 . ARG A 1 81 ? -4.177  -9.536  -3.303  1.00 90.62  ? 115  ARG A NH1 1 
ATOM   534 N NH2 . ARG A 1 81 ? -3.721  -8.347  -5.233  1.00 87.64  ? 115  ARG A NH2 1 
ATOM   535 N N   . LEU A 1 82 ? -1.160  -9.379  0.403   1.00 52.52  ? 116  LEU A N   1 
ATOM   536 C CA  . LEU A 1 82 ? -2.058  -8.493  1.123   1.00 50.10  ? 116  LEU A CA  1 
ATOM   537 C C   . LEU A 1 82 ? -2.250  -7.189  0.367   1.00 51.39  ? 116  LEU A C   1 
ATOM   538 O O   . LEU A 1 82 ? -1.320  -6.418  0.183   1.00 51.28  ? 116  LEU A O   1 
ATOM   539 C CB  . LEU A 1 82 ? -1.533  -8.200  2.541   1.00 48.81  ? 116  LEU A CB  1 
ATOM   540 C CG  . LEU A 1 82 ? -2.277  -7.094  3.336   1.00 48.01  ? 116  LEU A CG  1 
ATOM   541 C CD1 . LEU A 1 82 ? -3.785  -7.282  3.437   1.00 49.34  ? 116  LEU A CD1 1 
ATOM   542 C CD2 . LEU A 1 82 ? -1.727  -6.997  4.726   1.00 41.48  ? 116  LEU A CD2 1 
ATOM   543 N N   . GLU A 1 83 ? -3.479  -6.936  -0.055  1.00 49.09  ? 117  GLU A N   1 
ATOM   544 C CA  . GLU A 1 83 ? -3.771  -5.718  -0.786  1.00 53.40  ? 117  GLU A CA  1 
ATOM   545 C C   . GLU A 1 83 ? -4.794  -4.876  -0.034  1.00 57.18  ? 117  GLU A C   1 
ATOM   546 O O   . GLU A 1 83 ? -5.745  -5.402  0.548   1.00 62.39  ? 117  GLU A O   1 
ATOM   547 C CB  . GLU A 1 83 ? -4.275  -6.074  -2.174  1.00 57.64  ? 117  GLU A CB  1 
ATOM   548 C CG  . GLU A 1 83 ? -4.793  -4.886  -2.957  1.00 62.89  ? 117  GLU A CG  1 
ATOM   549 C CD  . GLU A 1 83 ? -5.218  -5.253  -4.368  1.00 68.60  ? 117  GLU A CD  1 
ATOM   550 O OE1 . GLU A 1 83 ? -4.701  -6.258  -4.918  1.00 68.96  ? 117  GLU A OE1 1 
ATOM   551 O OE2 . GLU A 1 83 ? -6.061  -4.522  -4.934  1.00 70.05  ? 117  GLU A OE2 1 
ATOM   552 N N   . THR A 1 84 ? -4.572  -3.570  -0.016  1.00 57.27  ? 118  THR A N   1 
ATOM   553 C CA  . THR A 1 84 ? -5.535  -2.654  0.548   1.00 56.67  ? 118  THR A CA  1 
ATOM   554 C C   . THR A 1 84 ? -5.476  -1.320  -0.195  1.00 59.60  ? 118  THR A C   1 
ATOM   555 O O   . THR A 1 84 ? -4.741  -1.176  -1.180  1.00 52.57  ? 118  THR A O   1 
ATOM   556 C CB  . THR A 1 84 ? -5.328  -2.485  2.073   1.00 63.96  ? 118  THR A CB  1 
ATOM   557 O OG1 . THR A 1 84 ? -6.532  -2.002  2.676   1.00 71.89  ? 118  THR A OG1 1 
ATOM   558 C CG2 . THR A 1 84 ? -4.196  -1.536  2.385   1.00 56.21  ? 118  THR A CG2 1 
ATOM   559 N N   . VAL A 1 85 ? -6.291  -0.366  0.251   1.00 57.56  ? 119  VAL A N   1 
ATOM   560 C CA  . VAL A 1 85 ? -6.303  0.980   -0.309  1.00 49.06  ? 119  VAL A CA  1 
ATOM   561 C C   . VAL A 1 85 ? -6.049  1.917   0.845   1.00 52.79  ? 119  VAL A C   1 
ATOM   562 O O   . VAL A 1 85 ? -6.668  1.792   1.910   1.00 47.09  ? 119  VAL A O   1 
ATOM   563 C CB  . VAL A 1 85 ? -7.641  1.314   -1.000  1.00 53.08  ? 119  VAL A CB  1 
ATOM   564 C CG1 . VAL A 1 85 ? -7.685  2.772   -1.454  1.00 55.39  ? 119  VAL A CG1 1 
ATOM   565 C CG2 . VAL A 1 85 ? -7.852  0.384   -2.199  1.00 61.16  ? 119  VAL A CG2 1 
ATOM   566 N N   . VAL A 1 86 ? -5.084  2.807   0.654   1.00 39.38  ? 120  VAL A N   1 
ATOM   567 C CA  . VAL A 1 86 ? -4.809  3.822   1.622   1.00 47.56  ? 120  VAL A CA  1 
ATOM   568 C C   . VAL A 1 86 ? -5.275  5.130   1.015   1.00 48.45  ? 120  VAL A C   1 
ATOM   569 O O   . VAL A 1 86 ? -4.852  5.479   -0.067  1.00 39.75  ? 120  VAL A O   1 
ATOM   570 C CB  . VAL A 1 86 ? -3.325  3.871   1.982   1.00 43.73  ? 120  VAL A CB  1 
ATOM   571 C CG1 . VAL A 1 86 ? -3.055  4.994   2.968   1.00 44.01  ? 120  VAL A CG1 1 
ATOM   572 C CG2 . VAL A 1 86 ? -2.918  2.539   2.569   1.00 45.29  ? 120  VAL A CG2 1 
ATOM   573 N N   . TYR A 1 87 ? -6.169  5.828   1.711   1.00 46.68  ? 121  TYR A N   1 
ATOM   574 C CA  . TYR A 1 87 ? -6.702  7.089   1.211   1.00 48.41  ? 121  TYR A CA  1 
ATOM   575 C C   . TYR A 1 87 ? -5.810  8.191   1.689   1.00 47.07  ? 121  TYR A C   1 
ATOM   576 O O   . TYR A 1 87 ? -5.246  8.123   2.772   1.00 46.53  ? 121  TYR A O   1 
ATOM   577 C CB  . TYR A 1 87 ? -8.155  7.316   1.667   1.00 56.76  ? 121  TYR A CB  1 
ATOM   578 C CG  . TYR A 1 87 ? -9.121  6.331   1.048   1.00 51.76  ? 121  TYR A CG  1 
ATOM   579 C CD1 . TYR A 1 87 ? -9.353  5.094   1.638   1.00 46.60  ? 121  TYR A CD1 1 
ATOM   580 C CD2 . TYR A 1 87 ? -9.781  6.630   -0.146  1.00 55.63  ? 121  TYR A CD2 1 
ATOM   581 C CE1 . TYR A 1 87 ? -10.213 4.175   1.059   1.00 47.12  ? 121  TYR A CE1 1 
ATOM   582 C CE2 . TYR A 1 87 ? -10.659 5.721   -0.728  1.00 51.50  ? 121  TYR A CE2 1 
ATOM   583 C CZ  . TYR A 1 87 ? -10.860 4.491   -0.133  1.00 52.01  ? 121  TYR A CZ  1 
ATOM   584 O OH  . TYR A 1 87 ? -11.717 3.575   -0.719  1.00 53.96  ? 121  TYR A OH  1 
ATOM   585 N N   . ARG A 1 88 ? -5.644  9.205   0.860   1.00 46.82  ? 122  ARG A N   1 
ATOM   586 C CA  . ARG A 1 88 ? -4.864  10.330  1.257   1.00 55.30  ? 122  ARG A CA  1 
ATOM   587 C C   . ARG A 1 88 ? -5.762  11.400  1.872   1.00 63.20  ? 122  ARG A C   1 
ATOM   588 O O   . ARG A 1 88 ? -6.925  11.518  1.501   1.00 60.98  ? 122  ARG A O   1 
ATOM   589 C CB  . ARG A 1 88 ? -4.060  10.857  0.076   1.00 62.39  ? 122  ARG A CB  1 
ATOM   590 C CG  . ARG A 1 88 ? -2.969  9.874   -0.347  1.00 71.42  ? 122  ARG A CG  1 
ATOM   591 C CD  . ARG A 1 88 ? -1.647  10.581  -0.595  1.00 72.24  ? 122  ARG A CD  1 
ATOM   592 N NE  . ARG A 1 88 ? -1.819  11.649  -1.560  1.00 64.96  ? 122  ARG A NE  1 
ATOM   593 C CZ  . ARG A 1 88 ? -0.846  12.162  -2.300  1.00 68.32  ? 122  ARG A CZ  1 
ATOM   594 N NH1 . ARG A 1 88 ? 0.401   11.733  -2.189  1.00 63.09  ? 122  ARG A NH1 1 
ATOM   595 N NH2 . ARG A 1 88 ? -1.137  13.116  -3.157  1.00 70.64  ? 122  ARG A NH2 1 
ATOM   596 N N   . PRO A 1 89 ? -5.224  12.183  2.827   1.00 71.89  ? 123  PRO A N   1 
ATOM   597 C CA  . PRO A 1 89 ? -6.039  13.224  3.427   1.00 78.17  ? 123  PRO A CA  1 
ATOM   598 C C   . PRO A 1 89 ? -6.460  14.238  2.386   1.00 81.35  ? 123  PRO A C   1 
ATOM   599 O O   . PRO A 1 89 ? -5.762  14.439  1.379   1.00 77.84  ? 123  PRO A O   1 
ATOM   600 C CB  . PRO A 1 89 ? -5.095  13.871  4.450   1.00 80.28  ? 123  PRO A CB  1 
ATOM   601 C CG  . PRO A 1 89 ? -4.053  12.837  4.714   1.00 78.77  ? 123  PRO A CG  1 
ATOM   602 C CD  . PRO A 1 89 ? -3.862  12.179  3.384   1.00 76.80  ? 123  PRO A CD  1 
ATOM   603 N N   . LEU A 1 90 ? -7.608  14.858  2.620   1.00 88.32  ? 124  LEU A N   1 
ATOM   604 C CA  . LEU A 1 90 ? -8.035  15.977  1.799   1.00 91.47  ? 124  LEU A CA  1 
ATOM   605 C C   . LEU A 1 90 ? -6.986  17.092  1.891   1.00 97.04  ? 124  LEU A C   1 
ATOM   606 O O   . LEU A 1 90 ? -6.796  17.841  0.931   1.00 108.39 ? 124  LEU A O   1 
ATOM   607 C CB  . LEU A 1 90 ? -9.404  16.484  2.253   1.00 87.99  ? 124  LEU A CB  1 
ATOM   608 C CG  . LEU A 1 90 ? -10.592 15.566  1.969   1.00 86.66  ? 124  LEU A CG  1 
ATOM   609 C CD1 . LEU A 1 90 ? -11.828 16.071  2.695   1.00 83.85  ? 124  LEU A CD1 1 
ATOM   610 C CD2 . LEU A 1 90 ? -10.848 15.472  0.471   1.00 87.44  ? 124  LEU A CD2 1 
ATOM   611 N N   . GLU A 1 91 ? -6.307  17.170  3.040   1.00 104.06 ? 125  GLU A N   1 
ATOM   612 C CA  . GLU A 1 91 ? -5.221  18.132  3.303   1.00 117.21 ? 125  GLU A CA  1 
ATOM   613 C C   . GLU A 1 91 ? -5.782  19.361  4.017   1.00 116.25 ? 125  GLU A C   1 
ATOM   614 O O   . GLU A 1 91 ? -5.031  20.101  4.683   1.00 118.81 ? 125  GLU A O   1 
ATOM   615 C CB  . GLU A 1 91 ? -4.485  18.566  2.021   1.00 124.76 ? 125  GLU A CB  1 
ATOM   616 C CG  . GLU A 1 91 ? -3.859  17.437  1.206   1.00 121.40 ? 125  GLU A CG  1 
ATOM   617 C CD  . GLU A 1 91 ? -3.734  17.779  -0.268  1.00 118.26 ? 125  GLU A CD  1 
ATOM   618 O OE1 . GLU A 1 91 ? -4.543  18.588  -0.777  1.00 112.34 ? 125  GLU A OE1 1 
ATOM   619 O OE2 . GLU A 1 91 ? -2.825  17.231  -0.920  1.00 112.35 ? 125  GLU A OE2 1 
HETATM 620 C C1  . GOL B 2 .  ? 13.827  4.184   -0.884  1.00 65.83  ? 1126 GOL A C1  1 
HETATM 621 O O1  . GOL B 2 .  ? 12.404  4.061   -0.698  1.00 45.31  ? 1126 GOL A O1  1 
HETATM 622 C C2  . GOL B 2 .  ? 14.244  5.652   -0.836  1.00 59.66  ? 1126 GOL A C2  1 
HETATM 623 O O2  . GOL B 2 .  ? 13.361  6.305   0.071   1.00 61.65  ? 1126 GOL A O2  1 
HETATM 624 C C3  . GOL B 2 .  ? 14.109  6.389   -2.160  1.00 60.38  ? 1126 GOL A C3  1 
HETATM 625 O O3  . GOL B 2 .  ? 13.983  7.811   -1.916  1.00 48.12  ? 1126 GOL A O3  1 
HETATM 626 O O   . HOH C 3 .  ? -6.926  4.829   4.626   1.00 35.45  ? 2001 HOH A O   1 
HETATM 627 O O   . HOH C 3 .  ? -3.313  9.854   8.913   1.00 60.38  ? 2002 HOH A O   1 
HETATM 628 O O   . HOH C 3 .  ? 1.572   10.972  6.137   1.00 42.71  ? 2003 HOH A O   1 
HETATM 629 O O   . HOH C 3 .  ? 7.803   4.832   -5.064  1.00 37.69  ? 2004 HOH A O   1 
HETATM 630 O O   . HOH C 3 .  ? 11.463  -7.116  9.069   1.00 39.56  ? 2005 HOH A O   1 
HETATM 631 O O   . HOH C 3 .  ? 8.815   -12.843 -1.976  1.00 51.50  ? 2006 HOH A O   1 
HETATM 632 O O   . HOH C 3 .  ? -8.294  8.955   -13.545 1.00 63.11  ? 2007 HOH A O   1 
HETATM 633 O O   . HOH C 3 .  ? -18.255 3.569   -6.170  1.00 65.17  ? 2008 HOH A O   1 
HETATM 634 O O   . HOH C 3 .  ? -8.697  -1.527  -7.894  1.00 63.76  ? 2009 HOH A O   1 
HETATM 635 O O   . HOH C 3 .  ? -2.358  -14.528 0.272   1.00 56.07  ? 2010 HOH A O   1 
HETATM 636 O O   . HOH C 3 .  ? -4.523  -12.566 -3.104  1.00 69.26  ? 2011 HOH A O   1 
HETATM 637 O O   . HOH C 3 .  ? -8.212  -4.449  2.335   1.00 56.15  ? 2012 HOH A O   1 
# 
